data_8Y57
#
_entry.id   8Y57
#
_cell.length_a   254.120
_cell.length_b   254.120
_cell.length_c   254.120
_cell.angle_alpha   90.000
_cell.angle_beta   90.000
_cell.angle_gamma   90.000
#
_symmetry.space_group_name_H-M   'I 41 3 2'
#
loop_
_entity.id
_entity.type
_entity.pdbx_description
1 polymer 'Heavy chain of 1bB11'
2 polymer 'Light chain of 1bB11'
3 non-polymer (2S)-1-(1,3-benzodioxol-5-yl)-N-methylpropan-2-amine
#
loop_
_entity_poly.entity_id
_entity_poly.type
_entity_poly.pdbx_seq_one_letter_code
_entity_poly.pdbx_strand_id
1 'polypeptide(L)'
;DAAAEVQLLESGGGLVQPGGSLRLSCAASGFTFSSYEMNWVRQAPGKGLEWVSSISSSSRYIYYADSLKGRFTISRDNSK
NTLYLQMNSLRAEDTAVYYCARSNHGAFDIWGQGTLVTVSSASTKGPSVFPLAPSSKSTSGGTAALGCLVKDYFPEPVTV
SWNSGALTSGVHTFPAVLQSSGLYSLSSVVTVPSSSLGTQTYICNVNHKPSNTKVDKKVEPKSCDKTHHHHHH
;
C,A
2 'polypeptide(L)'
;DKLQSVLTQPPSASGTPGQRVTISCTGTSSDIGGYNYVSWYQQLPGTAPKLLIYGKNNRPSGVPNRFSGSKSGTSASLAI
SGLRSEDFADYYCGTWDNSLNAVVFGGGTRLEIKRTVAAPSVFIFPPSDEQLKSGTASVVCLLNNFYPREAKVQWKVDNA
LQSGNSQESVTEQDSKDSTYSLSSTLTLSKADYEKHKVYACEVTHQGLSSPVTKSFNRGEC
;
D,B
#
loop_
_chem_comp.id
_chem_comp.type
_chem_comp.name
_chem_comp.formula
B41 non-polymer (2S)-1-(1,3-benzodioxol-5-yl)-N-methylpropan-2-amine 'C11 H15 N O2'
#
# COMPACT_ATOMS: atom_id res chain seq x y z
N VAL A 6 5.21 16.12 10.73
CA VAL A 6 5.76 15.80 12.03
C VAL A 6 5.68 14.29 12.28
N GLN A 7 6.82 13.69 12.62
CA GLN A 7 6.90 12.27 12.91
C GLN A 7 7.68 12.04 14.19
N LEU A 8 7.22 11.08 14.99
CA LEU A 8 7.91 10.68 16.21
C LEU A 8 8.15 9.17 16.15
N LEU A 9 9.41 8.78 16.12
CA LEU A 9 9.80 7.38 15.99
C LEU A 9 10.47 6.90 17.27
N GLU A 10 9.97 5.80 17.83
CA GLU A 10 10.51 5.22 19.03
C GLU A 10 11.35 3.98 18.72
N SER A 11 12.32 3.73 19.59
CA SER A 11 13.23 2.60 19.44
C SER A 11 13.72 2.20 20.83
N GLY A 12 14.27 0.99 20.91
CA GLY A 12 14.80 0.44 22.14
C GLY A 12 13.90 -0.56 22.83
N GLY A 13 12.63 -0.63 22.45
CA GLY A 13 11.75 -1.63 23.02
C GLY A 13 12.14 -3.03 22.61
N GLY A 14 11.78 -3.99 23.44
CA GLY A 14 12.12 -5.37 23.16
C GLY A 14 11.79 -6.27 24.35
N LEU A 15 12.33 -7.48 24.29
CA LEU A 15 12.08 -8.50 25.29
C LEU A 15 13.17 -8.45 26.35
N VAL A 16 12.78 -8.27 27.61
CA VAL A 16 13.71 -8.23 28.73
C VAL A 16 13.17 -9.09 29.87
N GLN A 17 14.07 -9.56 30.71
CA GLN A 17 13.71 -10.40 31.84
C GLN A 17 13.16 -9.55 32.99
N PRO A 18 12.33 -10.14 33.85
CA PRO A 18 11.85 -9.41 35.03
C PRO A 18 13.02 -8.91 35.86
N GLY A 19 12.89 -7.68 36.36
CA GLY A 19 13.94 -7.05 37.13
C GLY A 19 15.03 -6.40 36.31
N GLY A 20 14.95 -6.45 34.98
CA GLY A 20 15.94 -5.85 34.12
C GLY A 20 15.70 -4.37 33.90
N SER A 21 16.52 -3.81 33.02
CA SER A 21 16.43 -2.39 32.68
C SER A 21 16.48 -2.24 31.16
N LEU A 22 15.86 -1.17 30.67
CA LEU A 22 15.80 -0.92 29.23
C LEU A 22 15.66 0.58 28.99
N ARG A 23 16.30 1.06 27.92
CA ARG A 23 16.28 2.48 27.59
C ARG A 23 15.61 2.66 26.24
N LEU A 24 14.53 3.44 26.22
CA LEU A 24 13.80 3.76 25.01
C LEU A 24 14.08 5.18 24.57
N SER A 25 14.06 5.41 23.26
CA SER A 25 14.33 6.72 22.68
C SER A 25 13.24 7.07 21.70
N CYS A 26 12.91 8.37 21.64
CA CYS A 26 11.96 8.92 20.69
C CYS A 26 12.62 10.06 19.95
N ALA A 27 12.65 9.97 18.62
CA ALA A 27 13.20 11.00 17.76
C ALA A 27 12.06 11.72 17.06
N ALA A 28 12.08 13.05 17.13
CA ALA A 28 11.04 13.89 16.56
C ALA A 28 11.52 14.55 15.27
N SER A 29 10.55 14.92 14.43
CA SER A 29 10.85 15.59 13.17
C SER A 29 9.66 16.46 12.78
N GLY A 30 9.96 17.66 12.28
CA GLY A 30 8.95 18.56 11.77
C GLY A 30 8.57 19.70 12.69
N PHE A 31 9.06 19.71 13.93
CA PHE A 31 8.70 20.76 14.89
C PHE A 31 9.90 21.07 15.77
N THR A 32 9.77 22.13 16.56
CA THR A 32 10.82 22.55 17.48
C THR A 32 10.71 21.73 18.76
N PHE A 33 11.65 20.80 18.95
CA PHE A 33 11.61 19.93 20.12
C PHE A 33 11.72 20.73 21.41
N SER A 34 12.64 21.71 21.45
CA SER A 34 12.88 22.46 22.67
C SER A 34 11.71 23.38 23.04
N SER A 35 10.82 23.65 22.10
CA SER A 35 9.70 24.56 22.34
C SER A 35 8.42 23.85 22.74
N TYR A 36 8.45 22.54 22.90
CA TYR A 36 7.26 21.75 23.22
C TYR A 36 7.57 20.79 24.36
N GLU A 37 6.51 20.25 24.95
CA GLU A 37 6.62 19.30 26.05
C GLU A 37 6.39 17.88 25.54
N MET A 38 7.16 16.94 26.06
CA MET A 38 7.17 15.57 25.56
C MET A 38 6.82 14.60 26.69
N ASN A 39 5.89 13.68 26.41
CA ASN A 39 5.42 12.73 27.40
C ASN A 39 5.53 11.30 26.87
N TRP A 40 5.54 10.36 27.80
CA TRP A 40 5.48 8.93 27.52
C TRP A 40 4.18 8.37 28.06
N VAL A 41 3.48 7.59 27.23
CA VAL A 41 2.23 6.94 27.61
C VAL A 41 2.24 5.51 27.08
N ARG A 42 1.83 4.56 27.93
CA ARG A 42 1.91 3.15 27.58
C ARG A 42 0.52 2.52 27.51
N GLN A 43 0.46 1.39 26.81
CA GLN A 43 -0.76 0.62 26.65
C GLN A 43 -0.45 -0.86 26.76
N ALA A 44 -1.06 -1.53 27.73
CA ALA A 44 -0.86 -2.97 27.87
C ALA A 44 -1.63 -3.72 26.77
N PRO A 45 -1.15 -4.89 26.37
CA PRO A 45 -1.85 -5.66 25.34
C PRO A 45 -3.30 -5.92 25.73
N GLY A 46 -4.22 -5.52 24.85
CA GLY A 46 -5.62 -5.72 25.11
C GLY A 46 -6.18 -4.92 26.26
N LYS A 47 -5.47 -3.88 26.70
CA LYS A 47 -5.88 -3.06 27.83
C LYS A 47 -5.92 -1.60 27.40
N GLY A 48 -6.29 -0.73 28.34
CA GLY A 48 -6.43 0.69 28.05
C GLY A 48 -5.12 1.43 28.07
N LEU A 49 -5.21 2.74 27.84
CA LEU A 49 -4.05 3.61 27.83
C LEU A 49 -3.71 4.05 29.24
N GLU A 50 -2.42 4.31 29.48
CA GLU A 50 -1.93 4.72 30.79
C GLU A 50 -0.80 5.71 30.62
N TRP A 51 -0.95 6.89 31.24
CA TRP A 51 0.10 7.89 31.18
C TRP A 51 1.31 7.43 31.99
N VAL A 52 2.50 7.75 31.48
CA VAL A 52 3.77 7.34 32.09
C VAL A 52 4.51 8.53 32.69
N SER A 53 4.88 9.50 31.85
CA SER A 53 5.71 10.60 32.32
C SER A 53 5.55 11.79 31.38
N SER A 54 6.05 12.94 31.84
CA SER A 54 6.00 14.17 31.06
C SER A 54 7.19 15.05 31.43
N ILE A 55 7.71 15.77 30.43
CA ILE A 55 8.82 16.69 30.60
C ILE A 55 8.52 17.96 29.82
N SER A 56 8.83 19.11 30.43
CA SER A 56 8.56 20.42 29.85
C SER A 56 9.68 20.84 28.90
N SER A 57 9.45 21.96 28.21
CA SER A 57 10.44 22.47 27.27
C SER A 57 11.74 22.80 27.99
N SER A 58 12.86 22.39 27.37
CA SER A 58 14.18 22.61 27.94
C SER A 58 14.31 21.98 29.32
N SER A 59 13.65 20.84 29.53
CA SER A 59 13.69 20.12 30.80
C SER A 59 13.32 21.03 31.97
N ARG A 60 12.17 21.69 31.84
CA ARG A 60 11.71 22.59 32.90
C ARG A 60 11.03 21.82 34.02
N TYR A 61 9.93 21.14 33.70
CA TYR A 61 9.14 20.43 34.70
C TYR A 61 9.04 18.95 34.32
N ILE A 62 9.16 18.08 35.31
CA ILE A 62 9.15 16.64 35.10
C ILE A 62 8.11 16.01 36.02
N TYR A 63 7.28 15.13 35.47
CA TYR A 63 6.24 14.47 36.24
C TYR A 63 6.16 12.99 35.87
N TYR A 64 5.82 12.17 36.85
CA TYR A 64 5.65 10.73 36.67
C TYR A 64 4.37 10.30 37.36
N ALA A 65 4.20 8.99 37.51
CA ALA A 65 3.06 8.40 38.21
C ALA A 65 3.54 7.46 39.28
N ASP A 66 2.72 7.28 40.33
CA ASP A 66 3.11 6.46 41.46
C ASP A 66 3.07 4.96 41.17
N SER A 67 2.26 4.53 40.18
CA SER A 67 2.21 3.11 39.86
C SER A 67 3.61 2.56 39.58
N LEU A 68 4.45 3.36 38.93
CA LEU A 68 5.87 3.07 38.82
C LEU A 68 6.58 3.79 39.97
N LYS A 69 7.04 3.03 40.97
CA LYS A 69 7.59 3.60 42.19
C LYS A 69 8.99 4.16 41.94
N GLY A 70 9.07 5.12 41.02
CA GLY A 70 10.32 5.76 40.68
C GLY A 70 11.23 4.98 39.77
N ARG A 71 10.82 3.79 39.33
CA ARG A 71 11.68 2.96 38.48
C ARG A 71 11.90 3.57 37.10
N PHE A 72 11.13 4.58 36.73
CA PHE A 72 11.21 5.18 35.39
C PHE A 72 11.81 6.57 35.48
N THR A 73 12.64 6.90 34.50
CA THR A 73 13.29 8.21 34.43
C THR A 73 13.16 8.77 33.03
N ILE A 74 12.54 9.94 32.90
CA ILE A 74 12.37 10.60 31.60
C ILE A 74 13.37 11.73 31.49
N SER A 75 13.93 11.91 30.30
CA SER A 75 14.89 12.97 30.05
C SER A 75 14.81 13.35 28.57
N ARG A 76 15.46 14.45 28.21
CA ARG A 76 15.47 14.88 26.82
C ARG A 76 16.77 15.60 26.51
N ASP A 77 17.24 15.41 25.28
CA ASP A 77 18.38 16.16 24.75
C ASP A 77 17.81 17.20 23.79
N ASN A 78 17.45 18.37 24.34
CA ASN A 78 16.82 19.40 23.54
C ASN A 78 17.68 19.79 22.34
N SER A 79 19.00 19.66 22.47
CA SER A 79 19.90 19.95 21.36
C SER A 79 19.95 18.84 20.33
N LYS A 80 19.32 17.69 20.60
CA LYS A 80 19.31 16.57 19.68
C LYS A 80 17.92 16.15 19.25
N ASN A 81 16.88 16.84 19.68
CA ASN A 81 15.50 16.50 19.32
C ASN A 81 15.19 15.04 19.66
N THR A 82 15.66 14.60 20.83
CA THR A 82 15.48 13.22 21.27
C THR A 82 15.00 13.18 22.71
N LEU A 83 14.15 12.21 23.01
CA LEU A 83 13.64 11.96 24.35
C LEU A 83 14.01 10.55 24.77
N TYR A 84 14.33 10.38 26.05
CA TYR A 84 14.79 9.09 26.56
C TYR A 84 13.97 8.70 27.78
N LEU A 85 13.70 7.41 27.89
CA LEU A 85 13.01 6.82 29.04
C LEU A 85 13.79 5.61 29.51
N GLN A 86 14.32 5.69 30.73
CA GLN A 86 15.06 4.59 31.34
C GLN A 86 14.14 3.84 32.30
N MET A 87 14.09 2.53 32.16
CA MET A 87 13.27 1.66 33.00
C MET A 87 14.20 0.74 33.79
N ASN A 88 14.05 0.76 35.10
CA ASN A 88 14.86 -0.05 35.99
C ASN A 88 13.96 -0.86 36.91
N SER A 89 14.46 -2.01 37.35
CA SER A 89 13.67 -2.92 38.17
C SER A 89 12.35 -3.27 37.47
N LEU A 90 12.45 -3.56 36.18
CA LEU A 90 11.26 -3.80 35.36
C LEU A 90 10.50 -5.01 35.88
N ARG A 91 9.17 -4.93 35.79
CA ARG A 91 8.29 -5.99 36.25
C ARG A 91 7.41 -6.45 35.10
N ALA A 92 6.80 -7.63 35.28
CA ALA A 92 5.94 -8.18 34.24
C ALA A 92 4.78 -7.25 33.91
N GLU A 93 4.36 -6.43 34.88
CA GLU A 93 3.24 -5.51 34.65
C GLU A 93 3.62 -4.38 33.71
N ASP A 94 4.92 -4.15 33.47
CA ASP A 94 5.35 -3.09 32.57
C ASP A 94 5.27 -3.48 31.10
N THR A 95 5.00 -4.74 30.79
CA THR A 95 4.91 -5.17 29.40
C THR A 95 3.79 -4.42 28.69
N ALA A 96 4.16 -3.68 27.64
CA ALA A 96 3.16 -2.90 26.91
C ALA A 96 3.84 -2.20 25.74
N VAL A 97 3.03 -1.53 24.92
CA VAL A 97 3.52 -0.68 23.85
C VAL A 97 3.62 0.75 24.36
N TYR A 98 4.78 1.36 24.18
CA TYR A 98 5.07 2.69 24.72
C TYR A 98 5.08 3.70 23.58
N TYR A 99 4.42 4.83 23.78
CA TYR A 99 4.33 5.90 22.80
C TYR A 99 4.90 7.18 23.39
N CYS A 100 5.51 7.98 22.54
CA CYS A 100 5.93 9.33 22.88
C CYS A 100 4.96 10.32 22.24
N ALA A 101 4.50 11.30 23.02
CA ALA A 101 3.48 12.23 22.59
C ALA A 101 3.92 13.65 22.87
N ARG A 102 3.38 14.57 22.07
CA ARG A 102 3.66 15.99 22.19
C ARG A 102 2.49 16.70 22.87
N SER A 103 2.80 17.74 23.65
CA SER A 103 1.81 18.59 24.28
C SER A 103 1.85 19.95 23.61
N ASN A 104 0.74 20.37 23.01
CA ASN A 104 0.65 21.65 22.32
C ASN A 104 -0.29 22.61 23.02
N HIS A 105 -1.54 22.22 23.26
CA HIS A 105 -2.55 23.08 23.86
C HIS A 105 -3.26 22.34 24.98
N GLY A 106 -2.49 21.72 25.88
CA GLY A 106 -3.06 20.98 26.98
C GLY A 106 -3.51 19.58 26.64
N ALA A 107 -3.10 19.05 25.49
CA ALA A 107 -3.46 17.70 25.09
C ALA A 107 -2.40 17.17 24.15
N PHE A 108 -2.37 15.85 24.00
CA PHE A 108 -1.43 15.20 23.08
C PHE A 108 -1.96 15.29 21.66
N ASP A 109 -1.22 15.95 20.78
CA ASP A 109 -1.59 16.08 19.38
C ASP A 109 -0.72 15.26 18.44
N ILE A 110 0.51 14.94 18.84
CA ILE A 110 1.43 14.15 18.03
C ILE A 110 1.79 12.90 18.83
N TRP A 111 1.54 11.73 18.24
CA TRP A 111 1.84 10.45 18.85
C TRP A 111 2.83 9.68 17.99
N GLY A 112 3.69 8.91 18.66
CA GLY A 112 4.59 8.02 17.94
C GLY A 112 3.91 6.71 17.56
N GLN A 113 4.64 5.91 16.78
CA GLN A 113 4.11 4.62 16.37
C GLN A 113 4.08 3.62 17.52
N GLY A 114 4.90 3.84 18.55
CA GLY A 114 4.94 2.92 19.68
C GLY A 114 6.02 1.86 19.52
N THR A 115 6.52 1.39 20.66
CA THR A 115 7.52 0.33 20.71
C THR A 115 7.10 -0.68 21.77
N LEU A 116 7.16 -1.95 21.43
CA LEU A 116 6.70 -3.00 22.33
C LEU A 116 7.83 -3.40 23.28
N VAL A 117 7.53 -3.41 24.58
CA VAL A 117 8.43 -3.89 25.61
C VAL A 117 7.76 -5.09 26.28
N THR A 118 8.41 -6.24 26.19
CA THR A 118 7.90 -7.48 26.76
C THR A 118 8.81 -7.88 27.92
N VAL A 119 8.25 -7.89 29.13
CA VAL A 119 8.97 -8.28 30.33
C VAL A 119 8.54 -9.70 30.69
N SER A 120 9.46 -10.64 30.58
CA SER A 120 9.15 -12.04 30.85
C SER A 120 10.45 -12.82 30.88
N SER A 121 10.40 -13.99 31.51
CA SER A 121 11.53 -14.91 31.57
C SER A 121 11.54 -15.90 30.42
N ALA A 122 10.52 -15.89 29.57
CA ALA A 122 10.47 -16.79 28.42
C ALA A 122 11.55 -16.41 27.40
N SER A 123 11.99 -17.41 26.65
CA SER A 123 13.07 -17.23 25.68
C SER A 123 12.52 -17.00 24.28
N THR A 124 13.30 -16.27 23.49
CA THR A 124 12.92 -16.00 22.10
C THR A 124 12.94 -17.29 21.29
N LYS A 125 11.98 -17.40 20.37
CA LYS A 125 11.90 -18.58 19.49
C LYS A 125 11.26 -18.17 18.19
N GLY A 126 11.90 -18.56 17.07
CA GLY A 126 11.37 -18.31 15.76
C GLY A 126 10.15 -19.17 15.48
N PRO A 127 9.30 -18.73 14.56
CA PRO A 127 8.08 -19.48 14.25
C PRO A 127 8.30 -20.54 13.17
N SER A 128 7.38 -21.50 13.15
CA SER A 128 7.32 -22.51 12.11
C SER A 128 6.16 -22.17 11.18
N VAL A 129 6.44 -22.19 9.88
CA VAL A 129 5.46 -21.82 8.86
C VAL A 129 5.02 -23.10 8.14
N PHE A 130 3.72 -23.34 8.13
CA PHE A 130 3.15 -24.51 7.48
C PHE A 130 2.11 -24.08 6.45
N PRO A 131 1.98 -24.82 5.34
CA PRO A 131 1.01 -24.44 4.30
C PRO A 131 -0.38 -24.95 4.63
N LEU A 132 -1.38 -24.06 4.53
CA LEU A 132 -2.79 -24.45 4.59
C LEU A 132 -3.26 -24.68 3.15
N ALA A 133 -2.80 -25.80 2.59
CA ALA A 133 -2.91 -26.00 1.16
C ALA A 133 -4.36 -26.00 0.72
N PRO A 134 -4.74 -25.19 -0.27
CA PRO A 134 -6.05 -25.35 -0.89
C PRO A 134 -6.11 -26.66 -1.66
N SER A 135 -7.30 -27.25 -1.68
CA SER A 135 -7.47 -28.58 -2.25
C SER A 135 -8.92 -28.73 -2.72
N SER A 136 -9.32 -29.98 -2.97
CA SER A 136 -10.68 -30.24 -3.40
C SER A 136 -11.70 -29.67 -2.42
N LYS A 137 -11.34 -29.62 -1.13
CA LYS A 137 -12.24 -29.05 -0.13
C LYS A 137 -12.11 -27.53 -0.09
N SER A 138 -12.17 -26.90 -1.26
CA SER A 138 -12.18 -25.44 -1.34
C SER A 138 -13.47 -24.93 -1.97
N THR A 139 -13.80 -25.37 -3.19
CA THR A 139 -15.03 -25.02 -3.88
C THR A 139 -15.51 -23.60 -3.55
N SER A 140 -16.72 -23.49 -2.99
CA SER A 140 -17.31 -22.21 -2.61
C SER A 140 -17.64 -21.34 -3.82
N GLY A 141 -17.91 -21.97 -4.96
CA GLY A 141 -18.30 -21.22 -6.13
C GLY A 141 -17.24 -20.27 -6.67
N GLY A 142 -15.98 -20.71 -6.68
CA GLY A 142 -14.91 -19.94 -7.25
C GLY A 142 -14.03 -19.21 -6.25
N THR A 143 -14.49 -19.06 -5.01
CA THR A 143 -13.73 -18.34 -3.98
C THR A 143 -12.96 -19.37 -3.13
N ALA A 144 -11.87 -19.87 -3.71
CA ALA A 144 -11.01 -20.79 -2.98
C ALA A 144 -10.18 -20.02 -1.96
N ALA A 145 -9.70 -20.73 -0.94
CA ALA A 145 -8.94 -20.13 0.14
C ALA A 145 -7.61 -20.86 0.31
N LEU A 146 -6.56 -20.11 0.62
CA LEU A 146 -5.26 -20.68 0.93
C LEU A 146 -4.65 -19.85 2.06
N GLY A 147 -3.54 -20.32 2.61
CA GLY A 147 -2.91 -19.57 3.67
C GLY A 147 -1.70 -20.27 4.25
N CYS A 148 -1.20 -19.68 5.32
CA CYS A 148 -0.01 -20.16 6.01
C CYS A 148 -0.18 -20.01 7.51
N LEU A 149 0.21 -21.04 8.25
CA LEU A 149 0.11 -21.09 9.70
C LEU A 149 1.48 -20.81 10.29
N VAL A 150 1.59 -19.72 11.06
CA VAL A 150 2.80 -19.38 11.80
C VAL A 150 2.58 -19.82 13.24
N LYS A 151 3.41 -20.73 13.73
CA LYS A 151 3.16 -21.38 15.00
C LYS A 151 4.40 -21.38 15.88
N ASP A 152 4.18 -21.29 17.19
CA ASP A 152 5.24 -21.49 18.18
C ASP A 152 6.35 -20.46 18.01
N TYR A 153 5.98 -19.18 18.16
CA TYR A 153 6.93 -18.08 18.07
C TYR A 153 6.76 -17.16 19.26
N PHE A 154 7.88 -16.56 19.67
CA PHE A 154 7.92 -15.64 20.81
C PHE A 154 9.24 -14.89 20.81
N PRO A 155 9.25 -13.60 21.14
CA PRO A 155 8.04 -12.83 21.45
C PRO A 155 7.31 -12.34 20.21
N GLU A 156 6.47 -11.33 20.37
CA GLU A 156 5.74 -10.71 19.27
C GLU A 156 6.52 -9.51 18.75
N PRO A 157 6.15 -9.01 17.55
CA PRO A 157 5.09 -9.50 16.68
C PRO A 157 5.62 -10.30 15.50
N VAL A 158 4.72 -10.69 14.59
CA VAL A 158 5.07 -11.37 13.36
C VAL A 158 4.28 -10.74 12.22
N THR A 159 4.95 -10.53 11.09
CA THR A 159 4.32 -9.94 9.91
C THR A 159 4.27 -10.97 8.79
N VAL A 160 3.21 -10.93 7.99
CA VAL A 160 3.02 -11.87 6.89
C VAL A 160 2.60 -11.10 5.65
N SER A 161 3.19 -11.46 4.52
CA SER A 161 2.84 -10.92 3.21
C SER A 161 2.68 -12.07 2.23
N TRP A 162 2.10 -11.76 1.06
CA TRP A 162 1.88 -12.77 0.03
C TRP A 162 2.50 -12.32 -1.27
N ASN A 163 3.28 -13.20 -1.89
CA ASN A 163 3.96 -12.93 -3.16
C ASN A 163 4.70 -11.60 -3.11
N SER A 164 5.43 -11.41 -2.02
CA SER A 164 6.25 -10.21 -1.80
C SER A 164 5.43 -8.93 -1.87
N GLY A 165 4.13 -9.02 -1.59
CA GLY A 165 3.26 -7.86 -1.60
C GLY A 165 2.41 -7.71 -2.86
N ALA A 166 2.69 -8.50 -3.90
CA ALA A 166 1.91 -8.40 -5.13
C ALA A 166 0.47 -8.85 -4.95
N LEU A 167 0.16 -9.57 -3.87
CA LEU A 167 -1.18 -10.05 -3.59
C LEU A 167 -1.64 -9.46 -2.26
N THR A 168 -2.69 -8.63 -2.31
CA THR A 168 -3.19 -7.98 -1.10
C THR A 168 -4.70 -8.13 -0.97
N SER A 169 -5.40 -8.30 -2.10
CA SER A 169 -6.85 -8.42 -2.07
C SER A 169 -7.25 -9.79 -1.53
N GLY A 170 -8.15 -9.80 -0.55
CA GLY A 170 -8.58 -11.02 0.08
C GLY A 170 -7.64 -11.56 1.13
N VAL A 171 -6.66 -10.78 1.56
CA VAL A 171 -5.70 -11.22 2.56
C VAL A 171 -6.22 -10.88 3.94
N HIS A 172 -6.22 -11.87 4.84
CA HIS A 172 -6.66 -11.71 6.22
C HIS A 172 -5.61 -12.36 7.10
N THR A 173 -4.87 -11.54 7.85
CA THR A 173 -3.89 -12.02 8.81
C THR A 173 -4.50 -11.92 10.20
N PHE A 174 -4.68 -13.07 10.85
CA PHE A 174 -5.45 -13.11 12.08
C PHE A 174 -4.62 -12.63 13.27
N PRO A 175 -5.26 -12.08 14.29
CA PRO A 175 -4.53 -11.69 15.50
C PRO A 175 -3.82 -12.89 16.13
N ALA A 176 -2.67 -12.61 16.72
CA ALA A 176 -1.89 -13.67 17.36
C ALA A 176 -2.66 -14.25 18.53
N VAL A 177 -2.62 -15.58 18.66
CA VAL A 177 -3.24 -16.30 19.74
C VAL A 177 -2.16 -16.95 20.58
N LEU A 178 -2.20 -16.73 21.89
CA LEU A 178 -1.20 -17.27 22.81
C LEU A 178 -1.66 -18.66 23.25
N GLN A 179 -0.93 -19.68 22.80
CA GLN A 179 -1.28 -21.06 23.10
C GLN A 179 -0.92 -21.40 24.54
N SER A 180 -1.44 -22.53 25.01
CA SER A 180 -1.12 -23.01 26.36
C SER A 180 0.38 -23.26 26.54
N SER A 181 1.10 -23.49 25.44
CA SER A 181 2.54 -23.70 25.50
C SER A 181 3.30 -22.44 25.90
N GLY A 182 2.64 -21.28 25.93
CA GLY A 182 3.31 -20.03 26.16
C GLY A 182 3.80 -19.34 24.90
N LEU A 183 3.71 -20.01 23.75
CA LEU A 183 4.11 -19.45 22.46
C LEU A 183 2.89 -18.93 21.72
N TYR A 184 3.15 -18.07 20.73
CA TYR A 184 2.09 -17.48 19.93
C TYR A 184 1.91 -18.24 18.61
N SER A 185 0.69 -18.17 18.08
CA SER A 185 0.38 -18.80 16.81
C SER A 185 -0.74 -18.03 16.13
N LEU A 186 -0.57 -17.77 14.84
CA LEU A 186 -1.60 -17.13 14.04
C LEU A 186 -1.60 -17.75 12.64
N SER A 187 -2.55 -17.34 11.82
CA SER A 187 -2.63 -17.79 10.44
C SER A 187 -2.94 -16.60 9.54
N SER A 188 -2.42 -16.65 8.33
CA SER A 188 -2.72 -15.64 7.31
C SER A 188 -3.31 -16.35 6.10
N VAL A 189 -4.54 -15.99 5.74
CA VAL A 189 -5.28 -16.68 4.69
C VAL A 189 -5.75 -15.67 3.66
N VAL A 190 -5.58 -16.00 2.38
CA VAL A 190 -6.03 -15.19 1.27
C VAL A 190 -7.05 -15.98 0.46
N THR A 191 -8.10 -15.28 0.02
CA THR A 191 -9.13 -15.86 -0.83
C THR A 191 -8.91 -15.42 -2.27
N VAL A 192 -8.86 -16.40 -3.18
CA VAL A 192 -8.61 -16.12 -4.59
C VAL A 192 -9.60 -16.91 -5.43
N PRO A 193 -9.89 -16.44 -6.64
CA PRO A 193 -10.73 -17.23 -7.55
C PRO A 193 -10.12 -18.61 -7.78
N SER A 194 -10.98 -19.62 -7.84
CA SER A 194 -10.50 -20.99 -8.01
C SER A 194 -9.76 -21.14 -9.33
N SER A 195 -10.24 -20.49 -10.39
CA SER A 195 -9.64 -20.65 -11.71
C SER A 195 -8.16 -20.25 -11.72
N SER A 196 -7.73 -19.45 -10.76
CA SER A 196 -6.36 -18.96 -10.69
C SER A 196 -5.41 -19.93 -10.00
N LEU A 197 -5.91 -21.04 -9.46
CA LEU A 197 -5.03 -21.96 -8.73
C LEU A 197 -3.95 -22.54 -9.63
N GLY A 198 -4.30 -22.90 -10.86
CA GLY A 198 -3.36 -23.49 -11.79
C GLY A 198 -2.55 -22.50 -12.60
N THR A 199 -2.67 -21.20 -12.34
CA THR A 199 -2.01 -20.18 -13.14
C THR A 199 -1.17 -19.23 -12.29
N GLN A 200 -0.81 -19.62 -11.08
CA GLN A 200 -0.06 -18.72 -10.21
C GLN A 200 0.48 -19.49 -9.02
N THR A 201 1.70 -19.17 -8.61
CA THR A 201 2.31 -19.74 -7.42
C THR A 201 2.14 -18.78 -6.26
N TYR A 202 1.66 -19.29 -5.14
CA TYR A 202 1.41 -18.48 -3.94
C TYR A 202 2.43 -18.81 -2.88
N ILE A 203 3.11 -17.78 -2.37
CA ILE A 203 4.15 -17.95 -1.35
C ILE A 203 3.85 -16.97 -0.22
N CYS A 204 3.96 -17.45 1.02
CA CYS A 204 3.81 -16.61 2.19
C CYS A 204 5.18 -16.17 2.68
N ASN A 205 5.37 -14.87 2.83
CA ASN A 205 6.61 -14.29 3.32
C ASN A 205 6.37 -13.87 4.77
N VAL A 206 6.96 -14.60 5.71
CA VAL A 206 6.76 -14.39 7.14
C VAL A 206 8.05 -13.83 7.74
N ASN A 207 7.91 -12.75 8.50
CA ASN A 207 9.03 -12.09 9.14
C ASN A 207 8.76 -11.98 10.63
N HIS A 208 9.64 -12.55 11.43
CA HIS A 208 9.65 -12.46 12.90
C HIS A 208 10.99 -11.85 13.28
N LYS A 209 11.05 -10.52 13.31
CA LYS A 209 12.30 -9.83 13.61
C LYS A 209 12.85 -10.18 14.99
N PRO A 210 12.05 -10.31 16.04
CA PRO A 210 12.62 -10.65 17.36
C PRO A 210 13.56 -11.84 17.34
N SER A 211 13.34 -12.80 16.44
CA SER A 211 14.20 -13.97 16.31
C SER A 211 14.97 -13.99 15.00
N ASN A 212 15.03 -12.86 14.28
CA ASN A 212 15.75 -12.80 13.01
C ASN A 212 15.27 -13.85 12.03
N THR A 213 13.96 -14.09 12.01
CA THR A 213 13.39 -15.13 11.18
C THR A 213 12.75 -14.52 9.94
N LYS A 214 13.16 -15.01 8.77
CA LYS A 214 12.59 -14.58 7.49
C LYS A 214 12.39 -15.83 6.65
N VAL A 215 11.14 -16.28 6.52
CA VAL A 215 10.84 -17.54 5.87
C VAL A 215 9.83 -17.31 4.76
N ASP A 216 10.14 -17.79 3.56
CA ASP A 216 9.21 -17.78 2.43
C ASP A 216 8.78 -19.22 2.17
N LYS A 217 7.49 -19.48 2.31
CA LYS A 217 6.96 -20.83 2.20
C LYS A 217 6.00 -20.92 1.01
N LYS A 218 6.25 -21.90 0.14
CA LYS A 218 5.39 -22.14 -1.01
C LYS A 218 4.15 -22.91 -0.58
N VAL A 219 2.98 -22.43 -0.99
CA VAL A 219 1.70 -23.06 -0.68
C VAL A 219 1.17 -23.70 -1.95
N GLU A 220 1.27 -25.03 -2.05
CA GLU A 220 0.84 -25.71 -3.26
C GLU A 220 -0.47 -26.45 -3.01
N PRO A 221 -1.37 -26.46 -4.00
CA PRO A 221 -2.60 -27.25 -3.85
C PRO A 221 -2.31 -28.73 -3.81
N LYS A 222 -3.18 -29.46 -3.11
CA LYS A 222 -3.05 -30.90 -3.00
C LYS A 222 -4.42 -31.59 -3.12
N VAL B 6 -9.80 8.29 37.28
CA VAL B 6 -10.99 8.95 37.83
C VAL B 6 -11.99 9.21 36.71
N LEU B 7 -11.76 8.57 35.57
CA LEU B 7 -12.62 8.71 34.39
C LEU B 7 -13.17 7.34 34.00
N THR B 8 -14.43 7.32 33.59
CA THR B 8 -15.10 6.09 33.20
C THR B 8 -15.65 6.22 31.79
N GLN B 9 -15.61 5.11 31.04
CA GLN B 9 -16.06 5.08 29.66
C GLN B 9 -16.92 3.86 29.42
N PRO B 10 -18.00 4.00 28.65
CA PRO B 10 -18.84 2.83 28.34
C PRO B 10 -18.05 1.77 27.62
N PRO B 11 -18.24 0.50 27.99
CA PRO B 11 -17.44 -0.57 27.35
C PRO B 11 -17.64 -0.67 25.85
N SER B 12 -18.86 -0.45 25.36
CA SER B 12 -19.17 -0.66 23.96
C SER B 12 -20.13 0.42 23.47
N ALA B 13 -20.13 0.63 22.16
CA ALA B 13 -21.01 1.62 21.54
C ALA B 13 -21.24 1.21 20.09
N SER B 14 -22.43 0.68 19.80
CA SER B 14 -22.78 0.28 18.45
C SER B 14 -23.36 1.46 17.67
N GLY B 15 -23.44 1.30 16.36
CA GLY B 15 -23.96 2.34 15.50
C GLY B 15 -24.41 1.76 14.19
N THR B 16 -25.07 2.60 13.39
CA THR B 16 -25.47 2.27 12.04
C THR B 16 -24.86 3.26 11.04
N PRO B 17 -24.66 2.84 9.80
CA PRO B 17 -24.04 3.74 8.81
C PRO B 17 -24.84 5.03 8.66
N GLY B 18 -24.14 6.15 8.63
CA GLY B 18 -24.76 7.44 8.43
C GLY B 18 -25.49 8.00 9.63
N GLN B 19 -25.53 7.27 10.74
CA GLN B 19 -26.27 7.72 11.92
C GLN B 19 -25.33 8.52 12.84
N ARG B 20 -25.80 8.82 14.04
CA ARG B 20 -25.05 9.58 15.02
C ARG B 20 -24.90 8.74 16.31
N VAL B 21 -23.71 8.78 16.89
CA VAL B 21 -23.41 8.02 18.10
C VAL B 21 -22.81 8.96 19.13
N THR B 22 -23.22 8.78 20.39
CA THR B 22 -22.70 9.57 21.51
C THR B 22 -21.91 8.65 22.43
N ILE B 23 -20.67 9.03 22.73
CA ILE B 23 -19.81 8.29 23.64
C ILE B 23 -19.54 9.18 24.84
N SER B 24 -19.87 8.68 26.03
CA SER B 24 -19.78 9.45 27.25
C SER B 24 -18.48 9.17 27.99
N CYS B 25 -18.12 10.08 28.90
CA CYS B 25 -16.93 9.92 29.73
C CYS B 25 -17.24 10.58 31.07
N THR B 26 -17.71 9.79 32.03
CA THR B 26 -18.09 10.32 33.33
C THR B 26 -16.84 10.64 34.15
N GLY B 27 -16.88 11.77 34.86
CA GLY B 27 -15.75 12.19 35.66
C GLY B 27 -16.17 13.14 36.76
N THR B 28 -15.20 13.48 37.61
CA THR B 28 -15.47 14.37 38.73
C THR B 28 -15.58 15.83 38.33
N SER B 29 -14.90 16.24 37.26
CA SER B 29 -14.94 17.63 36.81
C SER B 29 -14.28 17.69 35.43
N SER B 30 -14.11 18.90 34.90
CA SER B 30 -13.47 19.11 33.62
C SER B 30 -12.44 20.23 33.70
N TYR B 37 -10.54 20.09 30.74
CA TYR B 37 -11.24 19.93 29.46
C TYR B 37 -10.94 18.55 28.86
N VAL B 38 -11.98 17.72 28.75
CA VAL B 38 -11.78 16.36 28.26
C VAL B 38 -11.30 16.38 26.81
N SER B 39 -10.26 15.61 26.53
CA SER B 39 -9.72 15.45 25.19
C SER B 39 -9.93 14.01 24.74
N TRP B 40 -10.42 13.83 23.52
CA TRP B 40 -10.77 12.52 23.01
C TRP B 40 -9.75 12.07 21.97
N TYR B 41 -9.42 10.78 22.00
CA TYR B 41 -8.49 10.17 21.06
C TYR B 41 -9.12 8.94 20.45
N GLN B 42 -8.64 8.57 19.26
CA GLN B 42 -9.13 7.41 18.53
C GLN B 42 -7.99 6.42 18.35
N GLN B 43 -8.28 5.14 18.60
CA GLN B 43 -7.31 4.05 18.41
C GLN B 43 -7.81 3.16 17.28
N LEU B 44 -7.33 3.41 16.07
CA LEU B 44 -7.69 2.57 14.94
C LEU B 44 -7.07 1.18 15.10
N PRO B 45 -7.66 0.17 14.47
CA PRO B 45 -7.17 -1.20 14.66
C PRO B 45 -5.67 -1.34 14.36
N GLY B 46 -4.90 -1.65 15.39
CA GLY B 46 -3.48 -1.91 15.22
C GLY B 46 -2.62 -0.68 15.00
N THR B 47 -3.12 0.51 15.32
CA THR B 47 -2.39 1.74 15.11
C THR B 47 -2.33 2.54 16.40
N ALA B 48 -1.39 3.49 16.44
CA ALA B 48 -1.23 4.32 17.62
C ALA B 48 -2.38 5.29 17.77
N PRO B 49 -2.65 5.76 18.98
CA PRO B 49 -3.75 6.70 19.19
C PRO B 49 -3.52 8.02 18.46
N LYS B 50 -4.62 8.65 18.07
CA LYS B 50 -4.59 9.94 17.41
C LYS B 50 -5.50 10.92 18.16
N LEU B 51 -5.11 12.19 18.14
CA LEU B 51 -5.90 13.21 18.81
C LEU B 51 -7.14 13.55 17.99
N LEU B 52 -8.29 13.60 18.65
CA LEU B 52 -9.55 13.94 18.00
C LEU B 52 -9.99 15.37 18.30
N ILE B 53 -10.03 15.75 19.58
CA ILE B 53 -10.51 17.07 19.97
C ILE B 53 -9.74 17.58 21.17
N TYR B 54 -9.03 18.70 21.02
CA TYR B 54 -8.52 19.40 22.19
C TYR B 54 -9.65 19.76 23.14
N GLY B 55 -10.68 20.40 22.60
CA GLY B 55 -11.90 20.71 23.33
C GLY B 55 -13.02 20.89 22.34
N LYS B 56 -14.25 20.82 22.84
CA LYS B 56 -15.44 20.82 21.99
C LYS B 56 -15.30 21.81 20.85
N ASN B 57 -15.42 21.31 19.62
CA ASN B 57 -15.32 22.11 18.40
C ASN B 57 -13.93 22.67 18.17
N ASN B 58 -12.91 22.11 18.79
CA ASN B 58 -11.51 22.51 18.59
C ASN B 58 -10.70 21.38 17.96
N ARG B 59 -11.29 20.68 17.01
CA ARG B 59 -10.62 19.56 16.37
C ARG B 59 -9.38 20.06 15.63
N PRO B 60 -8.23 19.41 15.79
CA PRO B 60 -7.03 19.82 15.05
C PRO B 60 -7.17 19.58 13.56
N SER B 61 -6.14 19.94 12.79
CA SER B 61 -6.19 19.75 11.35
C SER B 61 -6.31 18.28 10.99
N GLY B 62 -7.06 17.99 9.94
CA GLY B 62 -7.24 16.64 9.43
C GLY B 62 -8.44 15.88 9.98
N VAL B 63 -8.68 15.97 11.28
CA VAL B 63 -9.81 15.23 11.86
C VAL B 63 -11.11 15.74 11.27
N PRO B 64 -12.02 14.87 10.84
CA PRO B 64 -13.24 15.33 10.17
C PRO B 64 -14.14 16.11 11.11
N ASN B 65 -14.93 17.01 10.52
CA ASN B 65 -15.92 17.77 11.28
C ASN B 65 -17.04 16.88 11.81
N ARG B 66 -17.18 15.67 11.29
CA ARG B 66 -18.22 14.76 11.77
C ARG B 66 -18.10 14.51 13.26
N PHE B 67 -16.87 14.48 13.78
CA PHE B 67 -16.66 14.31 15.21
C PHE B 67 -16.85 15.65 15.92
N SER B 68 -17.48 15.61 17.10
CA SER B 68 -17.73 16.80 17.86
C SER B 68 -17.68 16.48 19.35
N GLY B 69 -17.25 17.46 20.15
CA GLY B 69 -17.19 17.32 21.58
C GLY B 69 -18.38 17.96 22.27
N SER B 70 -18.41 17.80 23.60
CA SER B 70 -19.50 18.35 24.40
C SER B 70 -18.93 18.71 25.77
N LYS B 71 -18.56 19.98 25.94
CA LYS B 71 -18.10 20.48 27.23
C LYS B 71 -19.29 20.48 28.20
N SER B 72 -19.24 19.62 29.21
CA SER B 72 -20.37 19.46 30.13
C SER B 72 -19.83 19.18 31.54
N GLY B 73 -19.69 20.24 32.32
CA GLY B 73 -19.45 20.13 33.75
C GLY B 73 -18.55 19.00 34.19
N THR B 74 -19.07 18.15 35.09
CA THR B 74 -18.28 17.03 35.59
C THR B 74 -18.18 15.91 34.56
N SER B 75 -19.27 15.59 33.88
CA SER B 75 -19.32 14.51 32.92
C SER B 75 -19.63 15.05 31.53
N ALA B 76 -18.81 14.69 30.55
CA ALA B 76 -18.97 15.13 29.17
C ALA B 76 -19.21 13.92 28.27
N SER B 77 -19.27 14.18 26.96
CA SER B 77 -19.50 13.13 25.98
C SER B 77 -18.93 13.56 24.65
N LEU B 78 -18.78 12.59 23.76
CA LEU B 78 -18.28 12.81 22.40
C LEU B 78 -19.32 12.36 21.40
N ALA B 79 -19.56 13.18 20.38
CA ALA B 79 -20.59 12.93 19.38
C ALA B 79 -19.95 12.65 18.03
N ILE B 80 -20.38 11.57 17.39
CA ILE B 80 -19.91 11.19 16.07
C ILE B 80 -21.11 11.15 15.13
N SER B 81 -21.06 11.93 14.06
CA SER B 81 -22.13 11.99 13.08
C SER B 81 -21.64 11.46 11.74
N GLY B 82 -22.59 11.06 10.91
CA GLY B 82 -22.26 10.47 9.61
C GLY B 82 -21.39 9.24 9.76
N LEU B 83 -21.78 8.35 10.68
CA LEU B 83 -20.99 7.16 10.98
C LEU B 83 -20.58 6.45 9.69
N ARG B 84 -19.28 6.29 9.51
CA ARG B 84 -18.71 5.70 8.31
C ARG B 84 -17.90 4.46 8.66
N SER B 85 -17.31 3.85 7.64
CA SER B 85 -16.61 2.58 7.82
C SER B 85 -15.42 2.74 8.77
N GLU B 86 -14.44 3.57 8.39
CA GLU B 86 -13.20 3.66 9.13
C GLU B 86 -13.39 4.05 10.59
N ASP B 87 -14.62 4.36 11.01
CA ASP B 87 -14.87 4.71 12.40
C ASP B 87 -14.68 3.54 13.36
N PHE B 88 -14.36 2.33 12.87
CA PHE B 88 -14.04 1.22 13.75
C PHE B 88 -12.82 1.57 14.59
N ALA B 89 -13.00 1.72 15.90
CA ALA B 89 -11.84 2.00 16.75
C ALA B 89 -12.29 2.06 18.20
N ASP B 90 -11.33 1.92 19.10
CA ASP B 90 -11.54 2.16 20.52
C ASP B 90 -11.31 3.64 20.79
N TYR B 91 -12.29 4.30 21.40
CA TYR B 91 -12.25 5.73 21.63
C TYR B 91 -11.84 5.90 23.08
N TYR B 92 -10.99 6.89 23.34
CA TYR B 92 -10.45 7.13 24.67
C TYR B 92 -10.59 8.61 25.04
N CYS B 93 -10.96 8.87 26.29
CA CYS B 93 -11.13 10.22 26.81
C CYS B 93 -10.08 10.47 27.90
N GLY B 94 -9.56 11.69 27.94
CA GLY B 94 -8.53 12.01 28.92
C GLY B 94 -8.49 13.47 29.33
N THR B 95 -8.27 13.70 30.62
CA THR B 95 -8.07 15.04 31.15
C THR B 95 -6.79 15.08 31.96
N TRP B 96 -6.55 16.19 32.67
CA TRP B 96 -5.37 16.33 33.51
C TRP B 96 -5.80 16.69 34.93
N ASP B 97 -5.73 15.72 35.83
CA ASP B 97 -6.06 15.94 37.24
C ASP B 97 -4.89 16.66 37.90
N ASN B 98 -4.95 18.00 37.90
CA ASN B 98 -3.88 18.79 38.50
C ASN B 98 -3.70 18.48 39.98
N SER B 99 -4.72 17.92 40.63
CA SER B 99 -4.60 17.55 42.03
C SER B 99 -3.39 16.65 42.25
N LEU B 100 -3.22 15.65 41.38
CA LEU B 100 -2.07 14.77 41.41
C LEU B 100 -1.08 15.05 40.29
N ASN B 101 -1.31 16.09 39.48
CA ASN B 101 -0.44 16.42 38.36
C ASN B 101 -0.23 15.21 37.45
N ALA B 102 -1.33 14.51 37.17
CA ALA B 102 -1.30 13.29 36.37
C ALA B 102 -2.40 13.34 35.33
N VAL B 103 -2.21 12.58 34.26
CA VAL B 103 -3.16 12.49 33.15
C VAL B 103 -4.02 11.24 33.37
N VAL B 104 -5.33 11.43 33.50
CA VAL B 104 -6.26 10.33 33.64
C VAL B 104 -6.70 9.87 32.26
N PHE B 105 -7.20 8.63 32.19
CA PHE B 105 -7.62 8.04 30.93
C PHE B 105 -8.91 7.27 31.13
N GLY B 106 -9.69 7.14 30.06
CA GLY B 106 -10.92 6.40 30.10
C GLY B 106 -10.73 4.91 29.82
N GLY B 107 -11.77 4.14 30.13
CA GLY B 107 -11.69 2.70 29.91
C GLY B 107 -11.52 2.35 28.44
N GLY B 108 -12.18 3.10 27.56
CA GLY B 108 -12.09 2.83 26.14
C GLY B 108 -13.35 2.18 25.60
N THR B 109 -13.99 2.82 24.64
CA THR B 109 -15.24 2.33 24.05
C THR B 109 -14.97 1.82 22.64
N ARG B 110 -15.42 0.60 22.37
CA ARG B 110 -15.30 0.00 21.04
C ARG B 110 -16.53 0.33 20.22
N LEU B 111 -16.32 0.74 18.97
CA LEU B 111 -17.40 1.15 18.09
C LEU B 111 -17.64 0.04 17.06
N GLU B 112 -18.77 -0.65 17.20
CA GLU B 112 -19.24 -1.60 16.20
C GLU B 112 -20.17 -0.87 15.25
N ILE B 113 -19.81 -0.86 13.96
CA ILE B 113 -20.62 -0.20 12.94
C ILE B 113 -21.59 -1.25 12.40
N LYS B 114 -22.84 -1.15 12.83
CA LYS B 114 -23.85 -2.13 12.42
C LYS B 114 -24.03 -2.11 10.91
N ARG B 115 -24.05 -3.31 10.32
CA ARG B 115 -24.27 -3.49 8.90
C ARG B 115 -25.35 -4.54 8.69
N THR B 116 -25.62 -4.87 7.43
CA THR B 116 -26.59 -5.91 7.12
C THR B 116 -25.99 -7.28 7.40
N VAL B 117 -26.88 -8.24 7.65
CA VAL B 117 -26.44 -9.60 7.96
C VAL B 117 -25.70 -10.18 6.76
N ALA B 118 -24.54 -10.76 7.01
CA ALA B 118 -23.71 -11.37 5.97
C ALA B 118 -23.40 -12.81 6.36
N ALA B 119 -23.66 -13.74 5.44
CA ALA B 119 -23.38 -15.14 5.71
C ALA B 119 -21.87 -15.39 5.66
N PRO B 120 -21.34 -16.25 6.53
CA PRO B 120 -19.92 -16.55 6.51
C PRO B 120 -19.56 -17.67 5.54
N SER B 121 -18.38 -17.52 4.94
CA SER B 121 -17.80 -18.56 4.09
C SER B 121 -16.94 -19.48 4.93
N VAL B 122 -17.20 -20.78 4.83
CA VAL B 122 -16.56 -21.79 5.69
C VAL B 122 -15.51 -22.54 4.88
N PHE B 123 -14.30 -22.62 5.42
CA PHE B 123 -13.20 -23.34 4.79
C PHE B 123 -12.52 -24.22 5.81
N ILE B 124 -12.03 -25.37 5.36
CA ILE B 124 -11.35 -26.33 6.21
C ILE B 124 -10.00 -26.66 5.58
N PHE B 125 -8.97 -26.75 6.42
CA PHE B 125 -7.61 -27.05 5.97
C PHE B 125 -7.06 -28.21 6.79
N PRO B 126 -6.72 -29.34 6.18
CA PRO B 126 -6.07 -30.42 6.92
C PRO B 126 -4.68 -30.00 7.37
N PRO B 127 -4.01 -30.83 8.17
CA PRO B 127 -2.65 -30.49 8.61
C PRO B 127 -1.62 -30.81 7.54
N SER B 128 -0.62 -29.95 7.43
CA SER B 128 0.42 -30.11 6.43
C SER B 128 1.30 -31.32 6.75
N ASP B 129 1.82 -31.96 5.70
CA ASP B 129 2.76 -33.05 5.91
C ASP B 129 4.03 -32.56 6.59
N GLU B 130 4.43 -31.32 6.33
CA GLU B 130 5.59 -30.76 7.01
C GLU B 130 5.39 -30.76 8.51
N GLN B 131 4.24 -30.27 8.97
CA GLN B 131 3.94 -30.30 10.40
C GLN B 131 3.82 -31.73 10.90
N LEU B 132 3.13 -32.59 10.16
CA LEU B 132 2.92 -33.96 10.61
C LEU B 132 4.25 -34.68 10.80
N LYS B 133 5.26 -34.38 9.98
CA LYS B 133 6.59 -34.91 10.23
C LYS B 133 7.15 -34.42 11.55
N SER B 134 6.70 -33.28 12.05
CA SER B 134 7.20 -32.70 13.29
C SER B 134 6.51 -33.26 14.53
N GLY B 135 5.54 -34.15 14.37
CA GLY B 135 4.88 -34.80 15.49
C GLY B 135 3.57 -34.17 15.91
N THR B 136 3.24 -32.99 15.41
CA THR B 136 1.99 -32.31 15.75
C THR B 136 1.16 -32.09 14.49
N ALA B 137 -0.15 -32.00 14.69
CA ALA B 137 -1.10 -31.81 13.60
C ALA B 137 -2.07 -30.69 13.96
N SER B 138 -2.12 -29.66 13.13
CA SER B 138 -3.03 -28.54 13.31
C SER B 138 -4.07 -28.54 12.19
N VAL B 139 -5.32 -28.26 12.56
CA VAL B 139 -6.43 -28.19 11.61
C VAL B 139 -7.10 -26.84 11.77
N VAL B 140 -7.35 -26.17 10.65
CA VAL B 140 -7.86 -24.80 10.64
C VAL B 140 -9.20 -24.77 9.93
N CYS B 141 -10.17 -24.12 10.57
CA CYS B 141 -11.45 -23.81 9.96
C CYS B 141 -11.59 -22.30 9.84
N LEU B 142 -12.04 -21.82 8.68
CA LEU B 142 -12.03 -20.41 8.36
C LEU B 142 -13.46 -19.92 8.13
N LEU B 143 -13.82 -18.84 8.83
CA LEU B 143 -15.08 -18.13 8.62
C LEU B 143 -14.74 -16.72 8.12
N ASN B 144 -15.17 -16.41 6.90
CA ASN B 144 -14.71 -15.23 6.20
C ASN B 144 -15.87 -14.31 5.85
N ASN B 145 -15.74 -13.03 6.20
CA ASN B 145 -16.63 -11.96 5.73
C ASN B 145 -18.09 -12.26 6.09
N PHE B 146 -18.33 -12.27 7.40
CA PHE B 146 -19.68 -12.51 7.92
C PHE B 146 -20.04 -11.42 8.93
N TYR B 147 -21.34 -11.30 9.19
CA TYR B 147 -21.86 -10.35 10.16
C TYR B 147 -23.18 -10.90 10.70
N PRO B 148 -23.43 -10.78 12.02
CA PRO B 148 -22.51 -10.13 12.97
C PRO B 148 -21.33 -11.03 13.35
N ARG B 149 -20.50 -10.54 14.29
CA ARG B 149 -19.34 -11.32 14.71
C ARG B 149 -19.76 -12.63 15.37
N GLU B 150 -20.81 -12.59 16.17
CA GLU B 150 -21.23 -13.76 16.93
C GLU B 150 -21.48 -14.95 16.00
N ALA B 151 -20.74 -16.03 16.24
CA ALA B 151 -20.90 -17.25 15.46
C ALA B 151 -20.43 -18.43 16.32
N LYS B 152 -20.87 -19.63 15.93
CA LYS B 152 -20.57 -20.84 16.66
C LYS B 152 -19.80 -21.80 15.75
N VAL B 153 -18.53 -22.05 16.08
CA VAL B 153 -17.70 -23.00 15.35
C VAL B 153 -17.47 -24.20 16.25
N GLN B 154 -17.80 -25.38 15.76
CA GLN B 154 -17.72 -26.61 16.52
C GLN B 154 -16.86 -27.62 15.78
N TRP B 155 -15.91 -28.23 16.48
CA TRP B 155 -15.07 -29.27 15.93
C TRP B 155 -15.64 -30.63 16.28
N LYS B 156 -15.78 -31.49 15.28
CA LYS B 156 -16.33 -32.83 15.45
C LYS B 156 -15.35 -33.84 14.88
N VAL B 157 -14.67 -34.56 15.75
CA VAL B 157 -13.74 -35.62 15.35
C VAL B 157 -14.47 -36.94 15.56
N ASP B 158 -14.98 -37.52 14.48
CA ASP B 158 -15.76 -38.76 14.52
C ASP B 158 -17.11 -38.53 15.21
N ASN B 159 -17.75 -37.40 14.89
CA ASN B 159 -19.06 -37.01 15.41
C ASN B 159 -19.03 -36.69 16.90
N ALA B 160 -17.86 -36.64 17.51
CA ALA B 160 -17.71 -36.26 18.92
C ALA B 160 -17.13 -34.86 18.97
N LEU B 161 -17.84 -33.95 19.65
CA LEU B 161 -17.38 -32.58 19.75
C LEU B 161 -15.99 -32.53 20.35
N GLN B 162 -15.11 -31.69 19.79
CA GLN B 162 -13.70 -31.66 20.28
C GLN B 162 -13.32 -30.25 20.71
N SER B 163 -14.19 -29.26 20.54
CA SER B 163 -13.90 -27.96 21.13
C SER B 163 -13.30 -28.05 22.52
N GLY B 164 -12.20 -27.31 22.72
CA GLY B 164 -11.41 -27.43 23.94
C GLY B 164 -9.95 -27.58 23.61
N ASN B 165 -9.66 -28.29 22.52
CA ASN B 165 -8.34 -28.28 21.90
C ASN B 165 -8.23 -27.26 20.80
N SER B 166 -9.29 -26.50 20.53
CA SER B 166 -9.31 -25.49 19.50
C SER B 166 -8.98 -24.12 20.07
N GLN B 167 -8.77 -23.16 19.19
CA GLN B 167 -8.49 -21.79 19.58
C GLN B 167 -8.93 -20.88 18.44
N GLU B 168 -9.65 -19.81 18.78
CA GLU B 168 -10.28 -18.95 17.78
C GLU B 168 -9.61 -17.58 17.75
N SER B 169 -9.48 -17.04 16.55
CA SER B 169 -9.00 -15.68 16.34
C SER B 169 -9.94 -14.97 15.39
N VAL B 170 -10.32 -13.73 15.73
CA VAL B 170 -11.27 -12.96 14.95
C VAL B 170 -10.62 -11.65 14.54
N THR B 171 -10.73 -11.31 13.25
CA THR B 171 -10.17 -10.07 12.75
C THR B 171 -10.97 -8.88 13.28
N GLU B 172 -10.46 -7.68 12.99
CA GLU B 172 -11.18 -6.47 13.32
C GLU B 172 -12.23 -6.17 12.24
N GLN B 173 -13.12 -5.23 12.54
CA GLN B 173 -14.18 -4.88 11.61
C GLN B 173 -13.59 -4.28 10.33
N ASP B 174 -13.74 -4.98 9.21
CA ASP B 174 -13.22 -4.48 7.95
C ASP B 174 -13.90 -3.18 7.56
N SER B 175 -13.12 -2.19 7.13
CA SER B 175 -13.68 -0.90 6.79
C SER B 175 -14.52 -0.98 5.53
N LYS B 176 -13.99 -1.60 4.46
CA LYS B 176 -14.70 -1.61 3.19
C LYS B 176 -16.01 -2.37 3.28
N ASP B 177 -16.04 -3.48 4.03
CA ASP B 177 -17.22 -4.32 4.11
C ASP B 177 -17.92 -4.29 5.46
N SER B 178 -17.25 -3.86 6.52
CA SER B 178 -17.77 -3.90 7.88
C SER B 178 -17.96 -5.32 8.38
N THR B 179 -17.45 -6.32 7.66
CA THR B 179 -17.64 -7.72 7.99
C THR B 179 -16.60 -8.17 9.02
N TYR B 180 -16.53 -9.48 9.24
CA TYR B 180 -15.57 -10.07 10.15
C TYR B 180 -14.98 -11.33 9.50
N SER B 181 -13.87 -11.78 10.06
CA SER B 181 -13.27 -13.06 9.69
C SER B 181 -12.81 -13.78 10.95
N LEU B 182 -12.92 -15.11 10.93
CA LEU B 182 -12.62 -15.91 12.11
C LEU B 182 -11.96 -17.21 11.69
N SER B 183 -10.95 -17.63 12.46
CA SER B 183 -10.25 -18.87 12.23
C SER B 183 -10.27 -19.70 13.51
N SER B 184 -10.69 -20.96 13.38
CA SER B 184 -10.67 -21.90 14.49
C SER B 184 -9.62 -22.97 14.19
N THR B 185 -8.63 -23.10 15.07
CA THR B 185 -7.52 -24.02 14.88
C THR B 185 -7.60 -25.12 15.93
N LEU B 186 -7.68 -26.36 15.45
CA LEU B 186 -7.67 -27.54 16.31
C LEU B 186 -6.29 -28.17 16.27
N THR B 187 -5.66 -28.30 17.43
CA THR B 187 -4.30 -28.80 17.53
C THR B 187 -4.30 -30.11 18.30
N LEU B 188 -3.73 -31.16 17.70
CA LEU B 188 -3.57 -32.46 18.33
C LEU B 188 -2.15 -32.96 18.08
N SER B 189 -1.74 -33.94 18.86
CA SER B 189 -0.49 -34.62 18.60
C SER B 189 -0.65 -35.55 17.40
N LYS B 190 0.47 -36.05 16.89
CA LYS B 190 0.42 -36.98 15.77
C LYS B 190 -0.36 -38.23 16.13
N ALA B 191 -0.11 -38.78 17.32
CA ALA B 191 -0.82 -39.99 17.75
C ALA B 191 -2.32 -39.75 17.85
N ASP B 192 -2.72 -38.66 18.48
CA ASP B 192 -4.14 -38.35 18.61
C ASP B 192 -4.78 -38.14 17.25
N TYR B 193 -4.08 -37.45 16.35
CA TYR B 193 -4.61 -37.24 15.01
C TYR B 193 -4.78 -38.55 14.27
N GLU B 194 -3.83 -39.47 14.41
CA GLU B 194 -3.89 -40.74 13.71
C GLU B 194 -4.93 -41.70 14.28
N LYS B 195 -5.62 -41.33 15.36
CA LYS B 195 -6.60 -42.21 15.98
C LYS B 195 -8.03 -41.90 15.57
N HIS B 196 -8.21 -41.09 14.52
CA HIS B 196 -9.53 -40.78 14.00
C HIS B 196 -9.44 -40.60 12.49
N LYS B 197 -10.60 -40.73 11.84
CA LYS B 197 -10.68 -40.58 10.38
C LYS B 197 -11.48 -39.36 9.96
N VAL B 198 -12.66 -39.16 10.55
CA VAL B 198 -13.54 -38.07 10.16
C VAL B 198 -13.16 -36.82 10.95
N TYR B 199 -12.84 -35.74 10.24
CA TYR B 199 -12.59 -34.44 10.84
C TYR B 199 -13.51 -33.43 10.17
N ALA B 200 -14.34 -32.76 10.96
CA ALA B 200 -15.33 -31.84 10.42
C ALA B 200 -15.40 -30.57 11.24
N CYS B 201 -15.72 -29.47 10.56
CA CYS B 201 -15.97 -28.18 11.20
C CYS B 201 -17.40 -27.77 10.89
N GLU B 202 -18.17 -27.46 11.93
CA GLU B 202 -19.58 -27.11 11.80
C GLU B 202 -19.79 -25.70 12.33
N VAL B 203 -20.45 -24.86 11.54
CA VAL B 203 -20.60 -23.44 11.82
C VAL B 203 -22.08 -23.11 11.95
N THR B 204 -22.43 -22.35 12.99
CA THR B 204 -23.77 -21.83 13.19
C THR B 204 -23.69 -20.31 13.27
N HIS B 205 -24.52 -19.64 12.47
CA HIS B 205 -24.46 -18.18 12.41
C HIS B 205 -25.81 -17.66 11.94
N GLN B 206 -26.06 -16.38 12.24
CA GLN B 206 -27.36 -15.78 11.94
C GLN B 206 -27.72 -15.91 10.47
N GLY B 207 -26.73 -15.79 9.59
CA GLY B 207 -26.98 -15.83 8.16
C GLY B 207 -27.21 -17.20 7.57
N LEU B 208 -27.27 -18.24 8.40
CA LEU B 208 -27.44 -19.61 7.93
C LEU B 208 -28.76 -20.16 8.44
N SER B 209 -29.51 -20.80 7.54
CA SER B 209 -30.73 -21.50 7.96
C SER B 209 -30.39 -22.87 8.54
N SER B 210 -29.60 -23.65 7.80
CA SER B 210 -29.10 -24.94 8.26
C SER B 210 -27.61 -24.84 8.57
N PRO B 211 -27.15 -25.43 9.67
CA PRO B 211 -25.72 -25.35 9.99
C PRO B 211 -24.86 -25.90 8.87
N VAL B 212 -23.74 -25.23 8.62
CA VAL B 212 -22.82 -25.60 7.55
C VAL B 212 -21.72 -26.49 8.12
N THR B 213 -21.28 -27.46 7.33
CA THR B 213 -20.26 -28.41 7.77
C THR B 213 -19.25 -28.61 6.64
N LYS B 214 -17.99 -28.32 6.94
CA LYS B 214 -16.87 -28.62 6.04
C LYS B 214 -16.08 -29.76 6.66
N SER B 215 -15.99 -30.88 5.95
CA SER B 215 -15.40 -32.10 6.47
C SER B 215 -14.27 -32.58 5.57
N PHE B 216 -13.60 -33.62 6.02
CA PHE B 216 -12.51 -34.26 5.30
C PHE B 216 -12.06 -35.48 6.08
N ASN B 217 -11.33 -36.37 5.41
CA ASN B 217 -10.86 -37.60 6.01
C ASN B 217 -9.35 -37.67 5.95
N ARG B 218 -8.78 -38.48 6.85
CA ARG B 218 -7.33 -38.65 6.95
C ARG B 218 -6.88 -39.65 5.90
N GLY B 219 -6.81 -39.18 4.65
CA GLY B 219 -6.40 -40.02 3.54
C GLY B 219 -7.32 -39.93 2.34
N VAL C 6 23.76 20.39 -24.38
CA VAL C 6 23.86 19.89 -23.03
C VAL C 6 23.00 18.64 -22.84
N GLN C 7 23.61 17.58 -22.30
CA GLN C 7 22.93 16.32 -22.10
C GLN C 7 23.41 15.69 -20.80
N LEU C 8 22.53 14.91 -20.17
CA LEU C 8 22.84 14.19 -18.94
C LEU C 8 22.33 12.76 -19.08
N LEU C 9 23.21 11.79 -18.84
CA LEU C 9 22.89 10.38 -19.02
C LEU C 9 23.17 9.62 -17.73
N GLU C 10 22.20 8.83 -17.28
CA GLU C 10 22.31 8.04 -16.06
C GLU C 10 22.52 6.57 -16.40
N SER C 11 23.25 5.89 -15.52
CA SER C 11 23.57 4.49 -15.71
C SER C 11 23.84 3.84 -14.36
N GLY C 12 23.80 2.52 -14.33
CA GLY C 12 24.00 1.75 -13.12
C GLY C 12 22.74 1.17 -12.53
N GLY C 13 21.57 1.58 -13.02
CA GLY C 13 20.32 1.03 -12.51
C GLY C 13 20.14 -0.42 -12.90
N GLY C 14 19.30 -1.11 -12.14
CA GLY C 14 19.02 -2.50 -12.41
C GLY C 14 18.28 -3.15 -11.25
N LEU C 15 18.27 -4.47 -11.26
CA LEU C 15 17.63 -5.26 -10.21
C LEU C 15 18.67 -5.69 -9.18
N VAL C 16 18.36 -5.46 -7.91
CA VAL C 16 19.26 -5.78 -6.81
C VAL C 16 18.45 -6.34 -5.65
N GLN C 17 19.04 -7.29 -4.93
CA GLN C 17 18.37 -7.89 -3.79
C GLN C 17 18.22 -6.86 -2.67
N PRO C 18 17.19 -7.01 -1.83
CA PRO C 18 17.02 -6.08 -0.71
C PRO C 18 18.26 -6.09 0.19
N GLY C 19 18.63 -4.89 0.65
CA GLY C 19 19.81 -4.74 1.48
C GLY C 19 21.11 -4.68 0.73
N GLY C 20 21.09 -4.79 -0.60
CA GLY C 20 22.31 -4.72 -1.37
C GLY C 20 22.76 -3.30 -1.65
N SER C 21 23.88 -3.18 -2.35
CA SER C 21 24.45 -1.90 -2.72
C SER C 21 24.33 -1.68 -4.22
N LEU C 22 24.53 -0.44 -4.65
CA LEU C 22 24.42 -0.09 -6.05
C LEU C 22 25.00 1.31 -6.25
N ARG C 23 25.78 1.48 -7.31
CA ARG C 23 26.40 2.76 -7.60
C ARG C 23 25.83 3.29 -8.92
N LEU C 24 25.20 4.46 -8.86
CA LEU C 24 24.64 5.12 -10.02
C LEU C 24 25.58 6.21 -10.48
N SER C 25 25.73 6.33 -11.80
CA SER C 25 26.63 7.31 -12.41
C SER C 25 25.86 8.16 -13.39
N CYS C 26 26.13 9.47 -13.36
CA CYS C 26 25.51 10.42 -14.27
C CYS C 26 26.61 11.20 -14.98
N ALA C 27 26.59 11.15 -16.30
CA ALA C 27 27.59 11.80 -17.14
C ALA C 27 26.97 13.02 -17.82
N ALA C 28 27.67 14.14 -17.75
CA ALA C 28 27.25 15.39 -18.36
C ALA C 28 28.07 15.67 -19.62
N SER C 29 27.41 16.27 -20.61
CA SER C 29 28.07 16.57 -21.88
C SER C 29 27.44 17.84 -22.45
N GLY C 30 28.10 18.98 -22.23
CA GLY C 30 27.65 20.22 -22.84
C GLY C 30 27.78 21.46 -21.97
N PHE C 31 27.91 21.31 -20.67
CA PHE C 31 28.03 22.44 -19.77
C PHE C 31 29.22 22.24 -18.83
N THR C 32 29.64 23.34 -18.21
CA THR C 32 30.77 23.30 -17.29
C THR C 32 30.37 22.62 -15.99
N PHE C 33 30.47 21.29 -15.96
CA PHE C 33 30.04 20.53 -14.80
C PHE C 33 30.67 21.03 -13.51
N SER C 34 31.95 21.41 -13.56
CA SER C 34 32.64 21.88 -12.38
C SER C 34 32.08 23.19 -11.85
N SER C 35 31.16 23.83 -12.58
CA SER C 35 30.63 25.14 -12.22
C SER C 35 29.19 25.09 -11.72
N TYR C 36 28.63 23.91 -11.49
CA TYR C 36 27.23 23.80 -11.12
C TYR C 36 27.05 22.75 -10.03
N GLU C 37 26.03 22.96 -9.19
CA GLU C 37 25.65 21.98 -8.20
C GLU C 37 24.72 20.95 -8.82
N MET C 38 24.94 19.68 -8.49
CA MET C 38 24.15 18.58 -9.03
C MET C 38 23.31 17.95 -7.94
N ASN C 39 22.28 17.23 -8.36
CA ASN C 39 21.34 16.62 -7.44
C ASN C 39 20.83 15.29 -7.98
N TRP C 40 20.44 14.41 -7.07
CA TRP C 40 19.76 13.16 -7.39
C TRP C 40 18.34 13.23 -6.86
N VAL C 41 17.38 12.94 -7.74
CA VAL C 41 15.96 12.95 -7.41
C VAL C 41 15.30 11.69 -7.98
N ARG C 42 14.45 11.06 -7.18
CA ARG C 42 13.87 9.78 -7.57
C ARG C 42 12.35 9.88 -7.65
N GLN C 43 11.76 9.04 -8.49
CA GLN C 43 10.32 8.93 -8.65
C GLN C 43 9.93 7.46 -8.59
N ALA C 44 9.09 7.09 -7.62
CA ALA C 44 8.66 5.71 -7.48
C ALA C 44 7.56 5.39 -8.49
N PRO C 45 7.45 4.13 -8.92
CA PRO C 45 6.39 3.74 -9.87
C PRO C 45 5.01 4.15 -9.39
N GLY C 46 4.33 5.00 -10.15
CA GLY C 46 3.00 5.43 -9.78
C GLY C 46 2.94 6.44 -8.66
N LYS C 47 4.05 7.09 -8.33
CA LYS C 47 4.10 8.09 -7.27
C LYS C 47 4.80 9.34 -7.79
N GLY C 48 4.89 10.36 -6.93
CA GLY C 48 5.44 11.64 -7.31
C GLY C 48 6.95 11.72 -7.13
N LEU C 49 7.48 12.90 -7.42
CA LEU C 49 8.91 13.15 -7.33
C LEU C 49 9.34 13.25 -5.87
N GLU C 50 10.58 12.85 -5.61
CA GLU C 50 11.16 12.92 -4.27
C GLU C 50 12.63 13.23 -4.38
N TRP C 51 13.07 14.33 -3.78
CA TRP C 51 14.48 14.71 -3.79
C TRP C 51 15.29 13.73 -2.95
N VAL C 52 16.49 13.41 -3.43
CA VAL C 52 17.37 12.44 -2.78
C VAL C 52 18.60 13.13 -2.19
N SER C 53 19.41 13.76 -3.03
CA SER C 53 20.69 14.28 -2.57
C SER C 53 21.13 15.47 -3.43
N SER C 54 22.10 16.22 -2.90
CA SER C 54 22.64 17.38 -3.60
C SER C 54 24.10 17.56 -3.22
N ILE C 55 24.92 17.92 -4.20
CA ILE C 55 26.34 18.20 -4.00
C ILE C 55 26.69 19.46 -4.77
N SER C 56 27.44 20.35 -4.12
CA SER C 56 27.89 21.58 -4.76
C SER C 56 29.07 21.31 -5.69
N SER C 57 29.46 22.35 -6.44
CA SER C 57 30.55 22.19 -7.38
C SER C 57 31.85 21.81 -6.68
N SER C 58 32.14 22.43 -5.54
CA SER C 58 33.37 22.17 -4.81
C SER C 58 33.28 20.94 -3.91
N SER C 59 32.18 20.18 -3.97
CA SER C 59 31.98 19.03 -3.12
C SER C 59 32.02 19.38 -1.64
N ARG C 60 31.73 20.65 -1.32
CA ARG C 60 31.80 21.13 0.05
C ARG C 60 30.50 20.97 0.81
N TYR C 61 29.36 21.09 0.13
CA TYR C 61 28.05 21.04 0.76
C TYR C 61 27.28 19.84 0.20
N ILE C 62 26.87 18.93 1.08
CA ILE C 62 26.09 17.75 0.71
C ILE C 62 24.89 17.67 1.64
N TYR C 63 23.71 17.48 1.06
CA TYR C 63 22.48 17.29 1.82
C TYR C 63 21.76 16.04 1.33
N TYR C 64 21.25 15.26 2.28
CA TYR C 64 20.49 14.06 1.98
C TYR C 64 19.10 14.18 2.60
N ALA C 65 18.14 13.47 2.00
CA ALA C 65 16.81 13.38 2.59
C ALA C 65 16.87 12.57 3.88
N ASP C 66 16.15 13.04 4.90
CA ASP C 66 16.21 12.40 6.21
C ASP C 66 15.70 10.96 6.15
N SER C 67 14.77 10.67 5.24
CA SER C 67 14.19 9.34 5.16
C SER C 67 15.21 8.28 4.72
N LEU C 68 16.37 8.69 4.23
CA LEU C 68 17.38 7.73 3.77
C LEU C 68 18.11 7.05 4.92
N LYS C 69 18.14 7.66 6.11
CA LYS C 69 18.83 7.11 7.27
C LYS C 69 20.33 6.99 7.05
N GLY C 70 20.90 7.82 6.18
CA GLY C 70 22.31 7.75 5.88
C GLY C 70 22.73 6.63 4.97
N ARG C 71 21.78 5.87 4.41
CA ARG C 71 22.11 4.76 3.54
C ARG C 71 22.70 5.20 2.20
N PHE C 72 22.57 6.48 1.85
CA PHE C 72 23.02 6.99 0.56
C PHE C 72 24.22 7.91 0.75
N THR C 73 25.07 7.95 -0.26
CA THR C 73 26.26 8.80 -0.24
C THR C 73 26.48 9.38 -1.63
N ILE C 74 26.44 10.71 -1.73
CA ILE C 74 26.61 11.40 -3.00
C ILE C 74 28.06 11.81 -3.17
N SER C 75 28.51 11.90 -4.42
CA SER C 75 29.88 12.30 -4.71
C SER C 75 29.93 12.81 -6.14
N ARG C 76 31.03 13.47 -6.49
CA ARG C 76 31.20 13.98 -7.84
C ARG C 76 32.68 13.94 -8.22
N ASP C 77 32.93 13.58 -9.48
CA ASP C 77 34.26 13.66 -10.09
C ASP C 77 34.21 14.83 -11.08
N ASN C 78 34.73 15.98 -10.64
CA ASN C 78 34.79 17.15 -11.52
C ASN C 78 35.77 16.93 -12.65
N SER C 79 36.86 16.21 -12.39
CA SER C 79 37.87 15.96 -13.41
C SER C 79 37.32 15.16 -14.58
N LYS C 80 36.26 14.38 -14.38
CA LYS C 80 35.68 13.56 -15.43
C LYS C 80 34.23 13.89 -15.71
N ASN C 81 33.71 15.00 -15.16
CA ASN C 81 32.35 15.44 -15.42
C ASN C 81 31.33 14.34 -15.10
N THR C 82 31.46 13.78 -13.89
CA THR C 82 30.59 12.67 -13.50
C THR C 82 30.04 12.90 -12.09
N LEU C 83 28.85 12.36 -11.84
CA LEU C 83 28.21 12.41 -10.55
C LEU C 83 27.87 10.99 -10.11
N TYR C 84 28.13 10.66 -8.84
CA TYR C 84 27.99 9.31 -8.35
C TYR C 84 27.07 9.27 -7.14
N LEU C 85 26.27 8.21 -7.06
CA LEU C 85 25.43 7.95 -5.89
C LEU C 85 25.65 6.52 -5.44
N GLN C 86 26.00 6.36 -4.16
CA GLN C 86 26.18 5.06 -3.54
C GLN C 86 24.95 4.74 -2.70
N MET C 87 24.31 3.61 -2.98
CA MET C 87 23.08 3.19 -2.33
C MET C 87 23.37 1.90 -1.57
N ASN C 88 23.27 1.96 -0.24
CA ASN C 88 23.57 0.83 0.61
C ASN C 88 22.33 0.43 1.39
N SER C 89 22.25 -0.85 1.74
CA SER C 89 21.11 -1.39 2.48
C SER C 89 19.80 -1.05 1.76
N LEU C 90 19.79 -1.30 0.45
CA LEU C 90 18.63 -0.93 -0.37
C LEU C 90 17.36 -1.58 0.15
N ARG C 91 16.30 -0.79 0.22
CA ARG C 91 14.98 -1.24 0.64
C ARG C 91 14.03 -1.24 -0.54
N ALA C 92 12.87 -1.88 -0.35
CA ALA C 92 11.85 -1.89 -1.39
C ALA C 92 11.39 -0.48 -1.73
N GLU C 93 11.33 0.41 -0.74
CA GLU C 93 10.91 1.79 -0.99
C GLU C 93 11.86 2.50 -1.94
N ASP C 94 13.08 2.01 -2.08
CA ASP C 94 14.04 2.64 -2.99
C ASP C 94 13.77 2.32 -4.46
N THR C 95 12.91 1.34 -4.75
CA THR C 95 12.58 1.03 -6.13
C THR C 95 11.97 2.25 -6.81
N ALA C 96 12.66 2.76 -7.84
CA ALA C 96 12.19 3.94 -8.53
C ALA C 96 13.10 4.32 -9.68
N VAL C 97 12.73 5.33 -10.46
CA VAL C 97 13.60 5.87 -11.48
C VAL C 97 14.36 7.04 -10.87
N TYR C 98 15.69 7.00 -11.00
CA TYR C 98 16.57 8.00 -10.42
C TYR C 98 17.08 8.91 -11.53
N TYR C 99 17.00 10.22 -11.29
CA TYR C 99 17.43 11.24 -12.23
C TYR C 99 18.51 12.08 -11.60
N CYS C 100 19.43 12.57 -12.43
CA CYS C 100 20.37 13.60 -12.03
C CYS C 100 19.92 14.94 -12.62
N ALA C 101 20.14 16.01 -11.86
CA ALA C 101 19.70 17.34 -12.27
C ALA C 101 20.77 18.36 -11.92
N ARG C 102 20.76 19.47 -12.65
CA ARG C 102 21.66 20.59 -12.40
C ARG C 102 20.88 21.70 -11.72
N SER C 103 21.34 22.12 -10.54
CA SER C 103 20.69 23.18 -9.78
C SER C 103 21.23 24.52 -10.25
N ASN C 104 20.52 25.14 -11.17
CA ASN C 104 20.86 26.47 -11.67
C ASN C 104 19.86 27.46 -11.09
N HIS C 105 20.37 28.50 -10.42
CA HIS C 105 19.56 29.50 -9.71
C HIS C 105 18.86 28.79 -8.55
N GLY C 106 17.52 28.74 -8.50
CA GLY C 106 16.81 28.08 -7.41
C GLY C 106 15.85 26.98 -7.85
N ALA C 107 16.25 26.23 -8.88
CA ALA C 107 15.44 25.13 -9.37
C ALA C 107 16.36 24.15 -10.08
N PHE C 108 15.77 23.03 -10.52
CA PHE C 108 16.48 22.01 -11.27
C PHE C 108 16.37 22.36 -12.75
N ASP C 109 17.49 22.82 -13.33
CA ASP C 109 17.46 23.37 -14.68
C ASP C 109 17.53 22.27 -15.73
N ILE C 110 18.52 21.40 -15.65
CA ILE C 110 18.75 20.36 -16.65
C ILE C 110 18.58 19.00 -15.98
N TRP C 111 17.80 18.12 -16.61
CA TRP C 111 17.50 16.81 -16.08
C TRP C 111 18.08 15.72 -16.99
N GLY C 112 18.37 14.57 -16.38
CA GLY C 112 18.73 13.40 -17.14
C GLY C 112 17.51 12.64 -17.64
N GLN C 113 17.77 11.52 -18.30
CA GLN C 113 16.69 10.68 -18.82
C GLN C 113 16.17 9.68 -17.80
N GLY C 114 16.89 9.48 -16.69
CA GLY C 114 16.45 8.56 -15.66
C GLY C 114 17.02 7.16 -15.84
N THR C 115 17.19 6.48 -14.70
CA THR C 115 17.64 5.09 -14.69
C THR C 115 16.81 4.33 -13.67
N LEU C 116 16.26 3.18 -14.08
CA LEU C 116 15.38 2.43 -13.22
C LEU C 116 16.18 1.55 -12.26
N VAL C 117 15.78 1.55 -10.99
CA VAL C 117 16.36 0.69 -9.97
C VAL C 117 15.23 -0.07 -9.30
N THR C 118 15.24 -1.39 -9.43
CA THR C 118 14.24 -2.26 -8.82
C THR C 118 14.90 -3.06 -7.71
N VAL C 119 14.37 -2.95 -6.50
CA VAL C 119 14.88 -3.67 -5.34
C VAL C 119 13.84 -4.72 -4.97
N SER C 120 14.16 -5.98 -5.22
CA SER C 120 13.24 -7.07 -4.94
C SER C 120 14.01 -8.38 -4.88
N SER C 121 13.44 -9.34 -4.15
CA SER C 121 14.02 -10.67 -4.06
C SER C 121 13.59 -11.57 -5.21
N ALA C 122 12.63 -11.13 -6.03
CA ALA C 122 12.20 -11.91 -7.17
C ALA C 122 13.32 -12.02 -8.20
N SER C 123 13.34 -13.14 -8.90
CA SER C 123 14.36 -13.40 -9.91
C SER C 123 13.93 -12.87 -11.27
N THR C 124 14.93 -12.52 -12.09
CA THR C 124 14.65 -12.05 -13.44
C THR C 124 13.92 -13.12 -14.23
N LYS C 125 12.87 -12.71 -14.94
CA LYS C 125 12.03 -13.63 -15.70
C LYS C 125 11.74 -13.02 -17.06
N GLY C 126 12.18 -13.69 -18.12
CA GLY C 126 11.88 -13.26 -19.47
C GLY C 126 10.41 -13.43 -19.79
N PRO C 127 9.85 -12.49 -20.54
CA PRO C 127 8.43 -12.56 -20.88
C PRO C 127 8.15 -13.56 -21.99
N SER C 128 6.91 -14.02 -22.02
CA SER C 128 6.40 -14.84 -23.11
C SER C 128 5.51 -13.96 -23.98
N VAL C 129 5.73 -14.00 -25.29
CA VAL C 129 5.03 -13.15 -26.24
C VAL C 129 4.07 -14.02 -27.03
N PHE C 130 2.77 -13.73 -26.90
CA PHE C 130 1.73 -14.48 -27.58
C PHE C 130 0.97 -13.57 -28.54
N PRO C 131 0.77 -13.98 -29.79
CA PRO C 131 0.02 -13.13 -30.72
C PRO C 131 -1.44 -13.00 -30.31
N LEU C 132 -2.02 -11.83 -30.60
CA LEU C 132 -3.42 -11.53 -30.40
C LEU C 132 -3.95 -11.23 -31.80
N ALA C 133 -4.41 -12.28 -32.49
CA ALA C 133 -4.81 -12.19 -33.89
C ALA C 133 -6.18 -11.53 -34.03
N PRO C 134 -6.45 -10.92 -35.18
CA PRO C 134 -7.77 -10.31 -35.40
C PRO C 134 -8.86 -11.35 -35.54
N SER C 135 -10.09 -10.92 -35.28
CA SER C 135 -11.25 -11.78 -35.39
C SER C 135 -12.44 -10.93 -35.82
N SER C 136 -13.61 -11.56 -35.91
CA SER C 136 -14.84 -10.87 -36.28
C SER C 136 -14.70 -10.19 -37.65
N THR C 139 -15.19 -6.11 -38.02
CA THR C 139 -15.45 -5.67 -36.66
C THR C 139 -16.33 -4.41 -36.70
N SER C 140 -17.10 -4.20 -35.62
CA SER C 140 -17.98 -3.04 -35.53
C SER C 140 -17.26 -1.73 -35.80
N GLY C 141 -15.94 -1.71 -35.68
CA GLY C 141 -15.17 -0.51 -35.95
C GLY C 141 -14.70 -0.36 -37.38
N GLY C 142 -15.06 -1.27 -38.28
CA GLY C 142 -14.60 -1.18 -39.66
C GLY C 142 -13.10 -1.32 -39.78
N THR C 143 -12.41 -1.36 -38.65
CA THR C 143 -10.98 -1.57 -38.55
C THR C 143 -10.71 -3.00 -38.11
N ALA C 144 -9.45 -3.30 -37.84
CA ALA C 144 -9.06 -4.60 -37.28
C ALA C 144 -7.94 -4.34 -36.28
N ALA C 145 -8.16 -4.73 -35.03
CA ALA C 145 -7.17 -4.57 -33.98
C ALA C 145 -6.41 -5.87 -33.81
N LEU C 146 -5.09 -5.80 -33.88
CA LEU C 146 -4.24 -6.98 -33.67
C LEU C 146 -3.05 -6.56 -32.83
N GLY C 147 -2.53 -7.50 -32.04
CA GLY C 147 -1.48 -7.14 -31.13
C GLY C 147 -0.64 -8.29 -30.63
N CYS C 148 0.09 -8.01 -29.55
CA CYS C 148 0.96 -8.99 -28.92
C CYS C 148 0.87 -8.84 -27.41
N LEU C 149 0.82 -9.97 -26.72
CA LEU C 149 0.71 -10.03 -25.27
C LEU C 149 2.07 -10.45 -24.71
N VAL C 150 2.70 -9.54 -23.95
CA VAL C 150 3.96 -9.81 -23.28
C VAL C 150 3.62 -10.11 -21.83
N LYS C 151 3.71 -11.38 -21.44
CA LYS C 151 3.19 -11.84 -20.17
C LYS C 151 4.30 -12.44 -19.31
N ASP C 152 4.16 -12.27 -17.99
CA ASP C 152 4.99 -12.99 -17.02
C ASP C 152 6.47 -12.70 -17.23
N TYR C 153 6.83 -11.44 -17.04
CA TYR C 153 8.22 -11.00 -17.11
C TYR C 153 8.57 -10.20 -15.86
N PHE C 154 9.87 -10.10 -15.60
CA PHE C 154 10.39 -9.32 -14.48
C PHE C 154 11.89 -9.15 -14.64
N PRO C 155 12.44 -7.98 -14.31
CA PRO C 155 11.69 -6.80 -13.88
C PRO C 155 11.31 -5.89 -15.04
N GLU C 156 10.93 -4.65 -14.73
CA GLU C 156 10.70 -3.65 -15.75
C GLU C 156 12.03 -3.20 -16.34
N PRO C 157 12.01 -2.60 -17.55
CA PRO C 157 10.82 -2.42 -18.39
C PRO C 157 10.83 -3.32 -19.62
N VAL C 158 9.78 -3.24 -20.43
CA VAL C 158 9.68 -3.93 -21.71
C VAL C 158 9.29 -2.92 -22.78
N THR C 159 9.97 -2.98 -23.92
CA THR C 159 9.71 -2.06 -25.03
C THR C 159 9.20 -2.85 -26.22
N VAL C 160 8.09 -2.41 -26.80
CA VAL C 160 7.45 -3.09 -27.92
C VAL C 160 7.34 -2.13 -29.09
N SER C 161 7.81 -2.57 -30.25
CA SER C 161 7.63 -1.85 -31.51
C SER C 161 6.93 -2.77 -32.50
N TRP C 162 6.51 -2.19 -33.64
CA TRP C 162 5.82 -2.96 -34.66
C TRP C 162 6.50 -2.76 -36.00
N ASN C 163 6.78 -3.89 -36.68
CA ASN C 163 7.43 -3.89 -37.98
C ASN C 163 8.73 -3.06 -37.94
N SER C 164 9.54 -3.33 -36.93
CA SER C 164 10.84 -2.68 -36.77
C SER C 164 10.72 -1.16 -36.70
N GLY C 165 9.60 -0.67 -36.16
CA GLY C 165 9.36 0.75 -36.02
C GLY C 165 8.67 1.41 -37.20
N ALA C 166 8.46 0.69 -38.30
CA ALA C 166 7.78 1.29 -39.44
C ALA C 166 6.34 1.66 -39.10
N LEU C 167 5.64 0.80 -38.37
CA LEU C 167 4.25 1.01 -38.01
C LEU C 167 4.16 1.68 -36.65
N THR C 168 3.65 2.91 -36.60
CA THR C 168 3.53 3.62 -35.35
C THR C 168 2.12 4.18 -35.16
N SER C 169 1.46 4.53 -36.26
CA SER C 169 0.13 5.13 -36.17
C SER C 169 -0.89 4.10 -35.69
N GLY C 170 -1.73 4.52 -34.74
CA GLY C 170 -2.73 3.65 -34.19
C GLY C 170 -2.22 2.61 -33.21
N VAL C 171 -0.98 2.74 -32.77
CA VAL C 171 -0.36 1.78 -31.84
C VAL C 171 -0.65 2.23 -30.42
N HIS C 172 -0.95 1.26 -29.56
CA HIS C 172 -1.21 1.50 -28.14
C HIS C 172 -0.49 0.42 -27.35
N THR C 173 0.56 0.81 -26.63
CA THR C 173 1.26 -0.10 -25.73
C THR C 173 0.85 0.23 -24.31
N PHE C 174 0.21 -0.73 -23.65
CA PHE C 174 -0.41 -0.47 -22.36
C PHE C 174 0.64 -0.47 -21.23
N PRO C 175 0.41 0.32 -20.19
CA PRO C 175 1.30 0.27 -19.03
C PRO C 175 1.34 -1.13 -18.43
N ALA C 176 2.52 -1.54 -17.99
CA ALA C 176 2.67 -2.84 -17.36
C ALA C 176 1.92 -2.88 -16.04
N VAL C 177 1.14 -3.94 -15.84
CA VAL C 177 0.37 -4.13 -14.61
C VAL C 177 1.02 -5.25 -13.82
N LEU C 178 1.37 -4.98 -12.57
CA LEU C 178 1.97 -5.98 -11.70
C LEU C 178 0.87 -6.93 -11.21
N GLN C 179 0.89 -8.15 -11.73
CA GLN C 179 -0.12 -9.13 -11.35
C GLN C 179 0.10 -9.61 -9.92
N SER C 180 -0.93 -10.24 -9.36
CA SER C 180 -0.78 -10.89 -8.07
C SER C 180 0.28 -11.99 -8.10
N SER C 181 0.59 -12.50 -9.28
CA SER C 181 1.63 -13.52 -9.42
C SER C 181 3.01 -12.98 -9.08
N GLY C 182 3.17 -11.66 -9.01
CA GLY C 182 4.47 -11.06 -8.84
C GLY C 182 5.20 -10.75 -10.13
N LEU C 183 4.62 -11.07 -11.28
CA LEU C 183 5.20 -10.80 -12.58
C LEU C 183 4.41 -9.73 -13.31
N TYR C 184 5.07 -9.06 -14.25
CA TYR C 184 4.44 -8.01 -15.03
C TYR C 184 3.86 -8.56 -16.33
N SER C 185 2.86 -7.86 -16.85
CA SER C 185 2.24 -8.23 -18.10
C SER C 185 1.67 -6.99 -18.77
N LEU C 186 1.67 -6.99 -20.10
CA LEU C 186 1.15 -5.88 -20.87
C LEU C 186 0.77 -6.39 -22.26
N SER C 187 0.04 -5.55 -22.99
CA SER C 187 -0.36 -5.87 -24.35
C SER C 187 -0.16 -4.64 -25.22
N SER C 188 0.34 -4.86 -26.43
CA SER C 188 0.51 -3.81 -27.42
C SER C 188 -0.38 -4.12 -28.61
N VAL C 189 -1.30 -3.20 -28.92
CA VAL C 189 -2.31 -3.43 -29.95
C VAL C 189 -2.28 -2.28 -30.95
N VAL C 190 -2.38 -2.63 -32.23
CA VAL C 190 -2.47 -1.65 -33.31
C VAL C 190 -3.74 -1.92 -34.10
N THR C 191 -4.43 -0.84 -34.47
CA THR C 191 -5.63 -0.92 -35.29
C THR C 191 -5.26 -0.54 -36.72
N VAL C 192 -5.57 -1.42 -37.66
CA VAL C 192 -5.24 -1.19 -39.07
C VAL C 192 -6.49 -1.37 -39.90
N PRO C 193 -6.60 -0.74 -41.06
CA PRO C 193 -7.77 -0.96 -41.92
C PRO C 193 -7.95 -2.45 -42.20
N SER C 194 -9.19 -2.92 -42.07
CA SER C 194 -9.45 -4.36 -42.17
C SER C 194 -9.09 -4.90 -43.54
N SER C 195 -9.11 -4.05 -44.57
CA SER C 195 -8.79 -4.50 -45.92
C SER C 195 -7.33 -4.92 -46.07
N SER C 196 -6.47 -4.52 -45.15
CA SER C 196 -5.05 -4.81 -45.23
C SER C 196 -4.63 -6.04 -44.43
N LEU C 197 -5.57 -6.75 -43.81
CA LEU C 197 -5.21 -7.89 -42.97
C LEU C 197 -4.50 -8.97 -43.77
N GLY C 198 -5.01 -9.28 -44.96
CA GLY C 198 -4.46 -10.34 -45.78
C GLY C 198 -3.36 -9.95 -46.74
N THR C 199 -2.93 -8.68 -46.73
CA THR C 199 -1.93 -8.21 -47.66
C THR C 199 -0.80 -7.44 -46.99
N GLN C 200 -0.68 -7.54 -45.66
CA GLN C 200 0.38 -6.85 -44.93
C GLN C 200 0.85 -7.72 -43.78
N THR C 201 2.18 -7.73 -43.57
CA THR C 201 2.77 -8.50 -42.49
C THR C 201 2.86 -7.64 -41.24
N TYR C 202 2.40 -8.20 -40.12
CA TYR C 202 2.42 -7.50 -38.83
C TYR C 202 3.34 -8.26 -37.89
N ILE C 203 4.41 -7.61 -37.46
CA ILE C 203 5.41 -8.20 -36.58
C ILE C 203 5.56 -7.31 -35.35
N CYS C 204 5.48 -7.90 -34.17
CA CYS C 204 5.75 -7.19 -32.93
C CYS C 204 7.15 -7.56 -32.47
N ASN C 205 7.99 -6.54 -32.26
CA ASN C 205 9.34 -6.70 -31.74
C ASN C 205 9.29 -6.33 -30.26
N VAL C 206 9.42 -7.34 -29.39
CA VAL C 206 9.38 -7.15 -27.95
C VAL C 206 10.79 -7.32 -27.42
N ASN C 207 11.26 -6.33 -26.66
CA ASN C 207 12.60 -6.31 -26.11
C ASN C 207 12.51 -6.09 -24.61
N HIS C 208 12.99 -7.07 -23.86
CA HIS C 208 13.15 -7.02 -22.41
C HIS C 208 14.65 -7.16 -22.17
N LYS C 209 15.34 -6.02 -22.12
CA LYS C 209 16.79 -6.07 -21.97
C LYS C 209 17.21 -6.82 -20.72
N PRO C 210 16.63 -6.58 -19.55
CA PRO C 210 16.78 -7.54 -18.45
C PRO C 210 16.29 -8.91 -18.92
N SER C 211 17.08 -9.94 -18.65
CA SER C 211 16.86 -11.30 -19.14
C SER C 211 17.29 -11.43 -20.61
N ASN C 212 17.72 -10.35 -21.25
CA ASN C 212 18.24 -10.39 -22.62
C ASN C 212 17.27 -11.10 -23.57
N THR C 213 16.02 -10.66 -23.56
CA THR C 213 15.00 -11.27 -24.40
C THR C 213 14.64 -10.32 -25.53
N LYS C 214 14.78 -10.79 -26.77
CA LYS C 214 14.23 -10.10 -27.92
C LYS C 214 13.48 -11.11 -28.76
N VAL C 215 12.20 -10.86 -29.01
CA VAL C 215 11.34 -11.76 -29.76
C VAL C 215 10.58 -10.96 -30.80
N ASP C 216 10.63 -11.42 -32.05
CA ASP C 216 9.84 -10.85 -33.14
C ASP C 216 8.77 -11.86 -33.51
N LYS C 217 7.53 -11.54 -33.18
CA LYS C 217 6.41 -12.46 -33.37
C LYS C 217 5.47 -11.94 -34.43
N LYS C 218 5.09 -12.80 -35.36
CA LYS C 218 4.19 -12.42 -36.46
C LYS C 218 2.76 -12.75 -36.10
N VAL C 219 1.88 -11.76 -36.23
CA VAL C 219 0.46 -11.92 -35.94
C VAL C 219 -0.27 -12.12 -37.27
N GLU C 220 -0.96 -13.25 -37.40
CA GLU C 220 -1.71 -13.57 -38.60
C GLU C 220 -3.14 -13.92 -38.22
N PRO C 221 -4.12 -13.55 -39.04
CA PRO C 221 -5.52 -13.85 -38.71
C PRO C 221 -5.73 -15.34 -38.51
N LYS C 222 -6.48 -15.68 -37.46
CA LYS C 222 -6.79 -17.07 -37.14
C LYS C 222 -7.48 -17.17 -35.79
N VAL D 6 4.94 19.17 3.09
CA VAL D 6 4.51 20.55 3.29
C VAL D 6 3.74 21.08 2.07
N LEU D 7 4.35 20.97 0.89
CA LEU D 7 3.71 21.44 -0.33
C LEU D 7 2.56 20.52 -0.70
N THR D 8 1.42 21.10 -1.06
CA THR D 8 0.21 20.35 -1.38
C THR D 8 -0.28 20.75 -2.77
N GLN D 9 -0.61 19.75 -3.58
CA GLN D 9 -1.12 19.95 -4.93
C GLN D 9 -2.40 19.15 -5.11
N PRO D 10 -3.41 19.72 -5.79
CA PRO D 10 -4.61 18.95 -6.08
C PRO D 10 -4.28 17.80 -7.01
N PRO D 11 -5.00 16.69 -6.89
CA PRO D 11 -4.65 15.51 -7.70
C PRO D 11 -4.82 15.73 -9.20
N SER D 12 -6.00 16.20 -9.63
CA SER D 12 -6.30 16.35 -11.04
C SER D 12 -6.87 17.74 -11.31
N ALA D 13 -6.78 18.15 -12.57
CA ALA D 13 -7.33 19.43 -13.01
C ALA D 13 -7.61 19.35 -14.50
N SER D 14 -8.87 19.55 -14.89
CA SER D 14 -9.28 19.44 -16.28
C SER D 14 -9.44 20.82 -16.90
N GLY D 15 -9.13 20.91 -18.19
CA GLY D 15 -9.27 22.15 -18.93
C GLY D 15 -9.95 21.90 -20.28
N THR D 16 -10.13 23.02 -21.00
CA THR D 16 -10.74 22.96 -22.32
C THR D 16 -9.75 23.51 -23.36
N PRO D 17 -9.69 22.89 -24.54
CA PRO D 17 -8.71 23.34 -25.53
C PRO D 17 -8.86 24.81 -25.84
N GLY D 18 -7.73 25.50 -25.93
CA GLY D 18 -7.73 26.94 -26.19
C GLY D 18 -7.99 27.76 -24.95
N GLN D 19 -8.71 27.19 -23.98
CA GLN D 19 -9.07 27.89 -22.76
C GLN D 19 -7.85 27.97 -21.83
N ARG D 20 -8.06 28.47 -20.62
CA ARG D 20 -7.00 28.65 -19.64
C ARG D 20 -7.26 27.76 -18.44
N VAL D 21 -6.17 27.27 -17.84
CA VAL D 21 -6.25 26.39 -16.67
C VAL D 21 -5.17 26.82 -15.67
N THR D 22 -5.48 26.71 -14.39
CA THR D 22 -4.58 27.10 -13.32
C THR D 22 -4.42 25.96 -12.33
N ILE D 23 -3.21 25.84 -11.79
CA ILE D 23 -2.88 24.80 -10.81
C ILE D 23 -2.24 25.47 -9.60
N SER D 24 -2.64 25.04 -8.41
CA SER D 24 -2.23 25.68 -7.17
C SER D 24 -1.28 24.77 -6.39
N CYS D 25 -0.26 25.37 -5.79
CA CYS D 25 0.71 24.69 -4.93
C CYS D 25 0.65 25.36 -3.57
N THR D 26 -0.15 24.81 -2.67
CA THR D 26 -0.37 25.44 -1.37
C THR D 26 0.74 25.05 -0.41
N GLY D 27 1.34 26.05 0.23
CA GLY D 27 2.37 25.85 1.22
C GLY D 27 1.80 25.94 2.64
N THR D 28 2.72 25.90 3.60
CA THR D 28 2.33 25.99 5.00
C THR D 28 3.42 26.71 5.79
N SER D 29 2.99 27.53 6.75
CA SER D 29 3.89 28.12 7.73
C SER D 29 3.55 27.73 9.16
N SER D 30 2.43 27.02 9.37
CA SER D 30 2.02 26.60 10.70
C SER D 30 3.07 25.69 11.34
N ILE D 32 5.93 25.14 8.97
CA ILE D 32 7.08 25.34 8.11
C ILE D 32 7.35 26.84 7.94
N GLY D 33 7.04 27.36 6.76
CA GLY D 33 7.25 28.77 6.49
C GLY D 33 7.06 29.07 5.01
N GLY D 34 7.37 30.32 4.67
CA GLY D 34 7.27 30.76 3.29
C GLY D 34 8.51 31.49 2.82
N TYR D 35 8.32 32.64 2.17
CA TYR D 35 9.41 33.45 1.64
C TYR D 35 10.46 32.59 0.92
N ASN D 36 10.01 31.51 0.27
CA ASN D 36 10.86 30.69 -0.56
C ASN D 36 10.46 30.86 -2.03
N TYR D 37 11.32 30.38 -2.92
CA TYR D 37 11.08 30.45 -4.35
C TYR D 37 10.53 29.11 -4.84
N VAL D 38 9.34 29.13 -5.42
CA VAL D 38 8.66 27.93 -5.89
C VAL D 38 8.91 27.77 -7.38
N SER D 39 9.30 26.58 -7.78
CA SER D 39 9.54 26.25 -9.18
C SER D 39 8.46 25.30 -9.68
N TRP D 40 8.30 25.26 -11.00
CA TRP D 40 7.30 24.42 -11.64
C TRP D 40 7.96 23.52 -12.67
N TYR D 41 7.51 22.26 -12.72
CA TYR D 41 8.04 21.27 -13.64
C TYR D 41 6.89 20.55 -14.33
N GLN D 42 7.12 20.16 -15.58
CA GLN D 42 6.15 19.40 -16.37
C GLN D 42 6.74 18.04 -16.70
N GLN D 43 5.92 17.00 -16.60
CA GLN D 43 6.32 15.63 -16.91
C GLN D 43 5.26 14.99 -17.79
N LEU D 44 5.60 14.73 -19.04
CA LEU D 44 4.72 13.99 -19.92
C LEU D 44 4.85 12.49 -19.66
N PRO D 45 3.83 11.71 -20.02
CA PRO D 45 3.88 10.27 -19.73
C PRO D 45 5.12 9.62 -20.32
N GLY D 46 5.82 8.85 -19.49
CA GLY D 46 6.99 8.13 -19.94
C GLY D 46 8.21 8.98 -20.19
N THR D 47 8.24 10.21 -19.67
CA THR D 47 9.35 11.12 -19.89
C THR D 47 9.77 11.77 -18.58
N ALA D 48 11.04 12.16 -18.51
CA ALA D 48 11.56 12.81 -17.33
C ALA D 48 10.99 14.23 -17.21
N PRO D 49 10.98 14.79 -16.00
CA PRO D 49 10.39 16.11 -15.80
C PRO D 49 11.10 17.18 -16.62
N LYS D 50 10.33 18.18 -17.03
CA LYS D 50 10.84 19.34 -17.75
C LYS D 50 10.61 20.59 -16.91
N LEU D 51 11.58 21.51 -16.96
CA LEU D 51 11.49 22.74 -16.19
C LEU D 51 10.59 23.75 -16.90
N LEU D 52 9.61 24.27 -16.17
CA LEU D 52 8.66 25.23 -16.72
C LEU D 52 8.89 26.63 -16.17
N ILE D 53 8.89 26.81 -14.85
CA ILE D 53 9.01 28.12 -14.22
C ILE D 53 9.99 28.03 -13.07
N TYR D 54 10.81 29.07 -12.92
CA TYR D 54 11.75 29.18 -11.81
C TYR D 54 11.83 30.63 -11.37
N GLY D 55 11.97 30.83 -10.07
CA GLY D 55 12.08 32.19 -9.54
C GLY D 55 10.78 32.97 -9.73
N LYS D 56 10.93 34.21 -10.19
CA LYS D 56 9.78 35.13 -10.33
C LYS D 56 9.25 35.04 -11.76
N ASN D 57 8.48 33.98 -12.01
CA ASN D 57 7.78 33.79 -13.28
C ASN D 57 8.73 33.80 -14.47
N ASN D 58 9.96 33.34 -14.27
CA ASN D 58 10.92 33.21 -15.35
C ASN D 58 10.75 31.88 -16.06
N ARG D 59 11.04 31.87 -17.37
CA ARG D 59 10.91 30.68 -18.18
C ARG D 59 12.24 30.36 -18.86
N PRO D 60 12.70 29.12 -18.82
CA PRO D 60 13.95 28.77 -19.50
C PRO D 60 13.74 28.34 -20.94
N SER D 61 14.45 28.98 -21.87
CA SER D 61 14.52 28.56 -23.26
C SER D 61 13.15 28.28 -23.88
N GLY D 62 12.83 26.99 -24.06
CA GLY D 62 11.72 26.57 -24.88
C GLY D 62 10.34 26.75 -24.31
N VAL D 63 10.22 27.12 -23.05
CA VAL D 63 8.90 27.29 -22.43
C VAL D 63 8.17 28.43 -23.12
N PRO D 64 6.99 28.19 -23.70
CA PRO D 64 6.28 29.27 -24.40
C PRO D 64 5.74 30.34 -23.46
N ASN D 65 5.06 31.34 -24.02
CA ASN D 65 4.47 32.41 -23.23
C ASN D 65 3.17 31.98 -22.53
N ARG D 66 2.66 30.80 -22.85
CA ARG D 66 1.42 30.31 -22.27
C ARG D 66 1.59 29.78 -20.86
N PHE D 67 2.81 29.77 -20.33
CA PHE D 67 3.09 29.28 -18.98
C PHE D 67 3.58 30.44 -18.12
N SER D 68 2.95 30.61 -16.96
CA SER D 68 3.36 31.64 -16.01
C SER D 68 3.09 31.14 -14.59
N GLY D 69 3.90 31.63 -13.67
CA GLY D 69 3.78 31.24 -12.27
C GLY D 69 3.71 32.42 -11.35
N SER D 70 2.80 32.34 -10.38
CA SER D 70 2.58 33.41 -9.42
C SER D 70 2.78 32.90 -8.00
N LYS D 71 3.16 33.81 -7.11
CA LYS D 71 3.38 33.48 -5.70
C LYS D 71 2.73 34.55 -4.84
N SER D 72 1.92 34.14 -3.87
CA SER D 72 1.24 35.05 -2.97
C SER D 72 1.18 34.40 -1.58
N GLY D 73 1.99 34.89 -0.65
CA GLY D 73 2.05 34.27 0.65
C GLY D 73 2.62 32.86 0.55
N THR D 74 2.14 31.99 1.43
CA THR D 74 2.56 30.58 1.40
C THR D 74 1.76 29.81 0.37
N SER D 75 1.74 30.29 -0.87
CA SER D 75 0.97 29.65 -1.92
C SER D 75 1.39 30.16 -3.30
N ALA D 76 1.57 29.26 -4.26
CA ALA D 76 1.94 29.61 -5.61
C ALA D 76 1.03 28.87 -6.59
N SER D 77 0.84 29.47 -7.76
CA SER D 77 -0.07 28.92 -8.76
C SER D 77 0.58 28.98 -10.14
N LEU D 78 0.18 28.05 -10.99
CA LEU D 78 0.65 27.97 -12.37
C LEU D 78 -0.53 28.18 -13.30
N ALA D 79 -0.35 29.05 -14.30
CA ALA D 79 -1.40 29.37 -15.26
C ALA D 79 -1.00 28.87 -16.64
N ILE D 80 -1.88 28.11 -17.27
CA ILE D 80 -1.65 27.57 -18.61
C ILE D 80 -2.79 28.09 -19.49
N SER D 81 -2.55 29.21 -20.17
CA SER D 81 -3.53 29.80 -21.07
C SER D 81 -3.30 29.29 -22.49
N GLY D 82 -4.40 29.00 -23.18
CA GLY D 82 -4.30 28.44 -24.52
C GLY D 82 -3.94 26.98 -24.51
N LEU D 83 -4.80 26.17 -23.91
CA LEU D 83 -4.51 24.75 -23.72
C LEU D 83 -4.44 24.02 -25.06
N ARG D 84 -3.57 23.02 -25.11
CA ARG D 84 -3.47 22.10 -26.24
C ARG D 84 -3.46 20.68 -25.71
N SER D 85 -3.85 19.74 -26.58
CA SER D 85 -3.83 18.34 -26.19
C SER D 85 -2.43 17.87 -25.78
N GLU D 86 -1.39 18.51 -26.34
CA GLU D 86 -0.02 18.17 -25.98
C GLU D 86 0.34 18.59 -24.57
N ASP D 87 -0.49 19.39 -23.90
CA ASP D 87 -0.23 19.79 -22.53
C ASP D 87 -0.64 18.73 -21.52
N PHE D 88 -1.29 17.64 -21.96
CA PHE D 88 -1.60 16.54 -21.07
C PHE D 88 -0.31 16.03 -20.41
N ALA D 89 -0.20 16.19 -19.10
CA ALA D 89 0.99 15.78 -18.38
C ALA D 89 0.73 15.95 -16.89
N ASP D 90 1.74 15.62 -16.08
CA ASP D 90 1.70 15.81 -14.64
C ASP D 90 2.58 16.99 -14.28
N TYR D 91 2.07 17.89 -13.44
CA TYR D 91 2.74 19.13 -13.10
C TYR D 91 3.11 19.13 -11.63
N TYR D 92 4.37 19.48 -11.35
CA TYR D 92 4.91 19.48 -10.00
C TYR D 92 5.47 20.85 -9.64
N CYS D 93 5.55 21.10 -8.34
CA CYS D 93 6.14 22.33 -7.81
C CYS D 93 7.21 21.96 -6.80
N GLY D 94 8.26 22.77 -6.73
CA GLY D 94 9.36 22.51 -5.83
C GLY D 94 9.95 23.79 -5.29
N THR D 95 10.43 23.73 -4.05
CA THR D 95 11.07 24.84 -3.38
C THR D 95 12.20 24.29 -2.53
N TRP D 96 12.77 25.14 -1.68
CA TRP D 96 13.85 24.75 -0.76
C TRP D 96 13.40 25.10 0.66
N ASP D 97 12.90 24.10 1.38
CA ASP D 97 12.50 24.30 2.76
C ASP D 97 13.71 24.57 3.63
N ASN D 98 13.57 25.53 4.55
CA ASN D 98 14.61 25.82 5.53
C ASN D 98 14.32 25.23 6.90
N SER D 99 13.05 24.98 7.22
CA SER D 99 12.72 24.24 8.44
C SER D 99 13.19 22.79 8.36
N LEU D 100 13.49 22.31 7.16
CA LEU D 100 14.05 20.99 6.96
C LEU D 100 15.37 20.99 6.20
N ASN D 101 15.76 22.11 5.60
CA ASN D 101 17.01 22.21 4.85
C ASN D 101 17.07 21.16 3.75
N ALA D 102 15.93 20.89 3.12
CA ALA D 102 15.82 19.90 2.06
C ALA D 102 15.00 20.48 0.91
N VAL D 103 14.79 19.68 -0.12
CA VAL D 103 14.01 20.05 -1.28
C VAL D 103 12.69 19.29 -1.24
N VAL D 104 11.59 20.01 -1.19
CA VAL D 104 10.25 19.43 -1.06
C VAL D 104 9.53 19.58 -2.39
N PHE D 105 8.88 18.51 -2.83
CA PHE D 105 8.11 18.50 -4.06
C PHE D 105 6.62 18.38 -3.74
N GLY D 106 5.80 18.92 -4.64
CA GLY D 106 4.36 18.79 -4.49
C GLY D 106 3.85 17.43 -4.92
N GLY D 107 2.59 17.17 -4.61
CA GLY D 107 1.98 15.91 -4.99
C GLY D 107 1.91 15.74 -6.49
N GLY D 108 1.67 16.82 -7.22
CA GLY D 108 1.55 16.77 -8.65
C GLY D 108 0.10 16.70 -9.09
N THR D 109 -0.19 17.33 -10.23
CA THR D 109 -1.54 17.38 -10.77
C THR D 109 -1.55 16.76 -12.17
N ARG D 110 -2.57 15.95 -12.43
CA ARG D 110 -2.74 15.30 -13.72
C ARG D 110 -3.63 16.19 -14.59
N LEU D 111 -3.01 16.95 -15.49
CA LEU D 111 -3.78 17.79 -16.40
C LEU D 111 -4.55 16.92 -17.39
N GLU D 112 -5.83 17.22 -17.54
CA GLU D 112 -6.74 16.44 -18.39
C GLU D 112 -7.56 17.41 -19.24
N ILE D 113 -7.08 17.72 -20.44
CA ILE D 113 -7.81 18.59 -21.33
C ILE D 113 -9.07 17.87 -21.81
N LYS D 114 -10.20 18.56 -21.75
CA LYS D 114 -11.48 17.95 -22.06
C LYS D 114 -11.66 17.77 -23.57
N ARG D 115 -12.57 16.88 -23.93
CA ARG D 115 -12.87 16.58 -25.32
C ARG D 115 -14.29 16.06 -25.41
N THR D 116 -14.73 15.80 -26.64
CA THR D 116 -16.09 15.32 -26.85
C THR D 116 -16.24 13.89 -26.33
N VAL D 117 -17.47 13.55 -25.94
CA VAL D 117 -17.77 12.21 -25.44
C VAL D 117 -17.59 11.22 -26.58
N ALA D 118 -16.74 10.22 -26.36
CA ALA D 118 -16.35 9.28 -27.40
C ALA D 118 -16.68 7.86 -26.95
N ALA D 119 -17.48 7.15 -27.75
CA ALA D 119 -17.77 5.76 -27.45
C ALA D 119 -16.57 4.88 -27.81
N PRO D 120 -16.32 3.83 -27.03
CA PRO D 120 -15.19 2.95 -27.34
C PRO D 120 -15.49 2.01 -28.49
N SER D 121 -14.44 1.59 -29.18
CA SER D 121 -14.51 0.56 -30.20
C SER D 121 -14.01 -0.73 -29.58
N VAL D 122 -14.95 -1.60 -29.19
CA VAL D 122 -14.62 -2.77 -28.38
C VAL D 122 -14.07 -3.88 -29.27
N PHE D 123 -13.09 -4.61 -28.74
CA PHE D 123 -12.52 -5.76 -29.42
C PHE D 123 -12.33 -6.88 -28.41
N ILE D 124 -12.37 -8.12 -28.91
CA ILE D 124 -12.19 -9.31 -28.09
C ILE D 124 -11.17 -10.21 -28.76
N PHE D 125 -10.30 -10.82 -27.95
CA PHE D 125 -9.18 -11.61 -28.46
C PHE D 125 -9.22 -13.01 -27.85
N PRO D 126 -9.09 -14.06 -28.66
CA PRO D 126 -9.10 -15.42 -28.13
C PRO D 126 -7.76 -15.78 -27.50
N PRO D 127 -7.76 -16.60 -26.45
CA PRO D 127 -6.49 -17.05 -25.88
C PRO D 127 -5.63 -17.73 -26.93
N SER D 128 -4.32 -17.50 -26.83
CA SER D 128 -3.40 -17.91 -27.88
C SER D 128 -3.21 -19.43 -27.90
N ASP D 129 -2.90 -19.95 -29.08
CA ASP D 129 -2.59 -21.36 -29.23
C ASP D 129 -1.40 -21.76 -28.37
N GLU D 130 -0.34 -20.94 -28.39
CA GLU D 130 0.82 -21.21 -27.55
C GLU D 130 0.45 -21.09 -26.07
N GLN D 131 -0.32 -20.08 -25.71
CA GLN D 131 -0.67 -19.87 -24.31
C GLN D 131 -1.45 -21.05 -23.76
N LEU D 132 -2.38 -21.61 -24.54
CA LEU D 132 -3.11 -22.78 -24.08
C LEU D 132 -2.19 -23.98 -23.90
N LYS D 133 -1.15 -24.09 -24.73
CA LYS D 133 -0.19 -25.18 -24.56
C LYS D 133 0.52 -25.06 -23.21
N SER D 134 0.85 -23.85 -22.80
CA SER D 134 1.48 -23.63 -21.51
C SER D 134 0.55 -23.95 -20.34
N GLY D 135 -0.74 -24.13 -20.59
CA GLY D 135 -1.68 -24.45 -19.53
C GLY D 135 -2.43 -23.29 -18.94
N THR D 136 -2.41 -22.12 -19.59
CA THR D 136 -3.12 -20.95 -19.11
C THR D 136 -3.88 -20.30 -20.25
N ALA D 137 -4.94 -19.57 -19.89
CA ALA D 137 -5.78 -18.88 -20.85
C ALA D 137 -5.97 -17.44 -20.41
N SER D 138 -5.59 -16.51 -21.28
CA SER D 138 -5.77 -15.07 -21.05
C SER D 138 -6.63 -14.50 -22.17
N VAL D 139 -7.69 -13.81 -21.80
CA VAL D 139 -8.60 -13.18 -22.74
C VAL D 139 -8.49 -11.67 -22.59
N VAL D 140 -8.29 -10.98 -23.72
CA VAL D 140 -8.05 -9.54 -23.72
C VAL D 140 -9.28 -8.86 -24.29
N CYS D 141 -9.86 -7.95 -23.51
CA CYS D 141 -10.97 -7.11 -23.94
C CYS D 141 -10.44 -5.69 -24.14
N LEU D 142 -10.60 -5.16 -25.35
CA LEU D 142 -10.00 -3.89 -25.73
C LEU D 142 -11.06 -2.81 -25.83
N LEU D 143 -10.81 -1.69 -25.15
CA LEU D 143 -11.63 -0.48 -25.25
C LEU D 143 -10.74 0.59 -25.86
N ASN D 144 -11.04 0.98 -27.10
CA ASN D 144 -10.13 1.79 -27.91
C ASN D 144 -10.70 3.18 -28.13
N ASN D 145 -9.93 4.20 -27.76
CA ASN D 145 -10.22 5.59 -28.13
C ASN D 145 -11.62 6.01 -27.69
N PHE D 146 -11.82 6.02 -26.38
CA PHE D 146 -13.08 6.44 -25.79
C PHE D 146 -12.86 7.63 -24.86
N TYR D 147 -13.96 8.20 -24.38
CA TYR D 147 -13.91 9.35 -23.47
C TYR D 147 -15.28 9.58 -22.86
N PRO D 148 -15.36 9.91 -21.57
CA PRO D 148 -14.21 10.11 -20.69
C PRO D 148 -13.58 8.81 -20.19
N ARG D 149 -12.71 8.92 -19.18
CA ARG D 149 -11.93 7.77 -18.74
C ARG D 149 -12.81 6.67 -18.16
N GLU D 150 -13.85 7.03 -17.42
CA GLU D 150 -14.66 6.03 -16.73
C GLU D 150 -15.20 5.00 -17.70
N ALA D 151 -15.13 3.73 -17.30
CA ALA D 151 -15.62 2.63 -18.11
C ALA D 151 -15.96 1.47 -17.19
N LYS D 152 -16.64 0.47 -17.75
CA LYS D 152 -17.11 -0.67 -16.97
C LYS D 152 -17.07 -1.91 -17.85
N VAL D 153 -16.10 -2.77 -17.62
CA VAL D 153 -15.90 -3.97 -18.42
C VAL D 153 -16.38 -5.17 -17.63
N GLN D 154 -17.15 -6.05 -18.27
CA GLN D 154 -17.68 -7.25 -17.66
C GLN D 154 -17.36 -8.46 -18.53
N TRP D 155 -17.18 -9.60 -17.87
CA TRP D 155 -16.80 -10.84 -18.53
C TRP D 155 -17.90 -11.88 -18.41
N LYS D 156 -17.99 -12.74 -19.43
CA LYS D 156 -18.98 -13.80 -19.46
C LYS D 156 -18.45 -14.94 -20.32
N VAL D 157 -18.49 -16.16 -19.79
CA VAL D 157 -18.02 -17.35 -20.49
C VAL D 157 -19.16 -18.36 -20.52
N ASP D 158 -19.66 -18.68 -21.71
CA ASP D 158 -20.85 -19.51 -21.85
C ASP D 158 -22.00 -18.95 -21.02
N ASN D 159 -22.10 -17.62 -20.99
CA ASN D 159 -23.07 -16.87 -20.21
C ASN D 159 -22.76 -16.88 -18.72
N ALA D 160 -21.57 -17.31 -18.33
CA ALA D 160 -21.16 -17.39 -16.92
C ALA D 160 -20.41 -16.11 -16.56
N LEU D 161 -21.04 -15.29 -15.72
CA LEU D 161 -20.39 -14.07 -15.26
C LEU D 161 -19.24 -14.38 -14.30
N GLN D 162 -18.21 -13.54 -14.34
CA GLN D 162 -16.99 -13.76 -13.57
C GLN D 162 -16.68 -12.52 -12.75
N SER D 163 -15.59 -12.60 -11.98
CA SER D 163 -15.12 -11.49 -11.17
C SER D 163 -13.81 -11.88 -10.51
N GLY D 164 -13.04 -10.87 -10.11
CA GLY D 164 -11.81 -11.08 -9.37
C GLY D 164 -10.75 -11.90 -10.08
N ASN D 165 -11.00 -12.26 -11.34
CA ASN D 165 -10.08 -13.09 -12.10
C ASN D 165 -9.56 -12.37 -13.34
N SER D 166 -9.69 -11.05 -13.40
CA SER D 166 -9.22 -10.28 -14.54
C SER D 166 -8.61 -8.98 -14.06
N GLN D 167 -7.67 -8.45 -14.84
CA GLN D 167 -7.01 -7.19 -14.55
C GLN D 167 -7.00 -6.34 -15.81
N GLU D 168 -7.03 -5.02 -15.63
CA GLU D 168 -7.10 -4.09 -16.74
C GLU D 168 -6.09 -2.96 -16.56
N SER D 169 -5.54 -2.50 -17.67
CA SER D 169 -4.64 -1.35 -17.72
C SER D 169 -5.20 -0.32 -18.69
N VAL D 170 -5.09 0.96 -18.32
CA VAL D 170 -5.60 2.06 -19.11
C VAL D 170 -4.43 2.97 -19.49
N THR D 171 -4.34 3.30 -20.78
CA THR D 171 -3.28 4.16 -21.26
C THR D 171 -3.48 5.60 -20.80
N GLU D 172 -2.45 6.40 -20.98
CA GLU D 172 -2.56 7.82 -20.68
C GLU D 172 -3.40 8.52 -21.76
N GLN D 173 -3.86 9.72 -21.43
CA GLN D 173 -4.63 10.50 -22.39
C GLN D 173 -3.78 10.76 -23.63
N ASP D 174 -4.36 10.50 -24.80
CA ASP D 174 -3.63 10.70 -26.05
C ASP D 174 -3.30 12.17 -26.24
N SER D 175 -2.11 12.44 -26.79
CA SER D 175 -1.67 13.80 -27.00
C SER D 175 -2.31 14.45 -28.22
N LYS D 176 -2.87 13.66 -29.14
CA LYS D 176 -3.51 14.19 -30.33
C LYS D 176 -5.03 14.21 -30.22
N ASP D 177 -5.65 13.06 -30.00
CA ASP D 177 -7.11 12.98 -29.88
C ASP D 177 -7.60 13.16 -28.46
N SER D 178 -6.71 13.05 -27.46
CA SER D 178 -7.05 13.25 -26.06
C SER D 178 -7.98 12.16 -25.51
N THR D 179 -8.04 11.01 -26.18
CA THR D 179 -8.88 9.91 -25.73
C THR D 179 -8.04 8.91 -24.93
N TYR D 180 -8.71 7.89 -24.40
CA TYR D 180 -8.06 6.81 -23.67
C TYR D 180 -8.32 5.49 -24.36
N SER D 181 -7.38 4.56 -24.20
CA SER D 181 -7.55 3.17 -24.59
C SER D 181 -7.35 2.30 -23.35
N LEU D 182 -8.17 1.27 -23.21
CA LEU D 182 -8.14 0.42 -22.03
C LEU D 182 -8.13 -1.04 -22.44
N SER D 183 -7.44 -1.86 -21.65
CA SER D 183 -7.33 -3.29 -21.89
C SER D 183 -7.63 -4.03 -20.59
N SER D 184 -8.37 -5.13 -20.71
CA SER D 184 -8.69 -5.99 -19.58
C SER D 184 -8.41 -7.44 -19.97
N THR D 185 -7.65 -8.14 -19.14
CA THR D 185 -7.26 -9.51 -19.41
C THR D 185 -7.84 -10.44 -18.35
N LEU D 186 -8.26 -11.63 -18.79
CA LEU D 186 -8.86 -12.63 -17.92
C LEU D 186 -7.86 -13.75 -17.68
N THR D 187 -7.64 -14.09 -16.41
CA THR D 187 -6.67 -15.11 -16.02
C THR D 187 -7.40 -16.44 -15.81
N LEU D 188 -7.29 -17.31 -16.80
CA LEU D 188 -7.89 -18.64 -16.74
C LEU D 188 -6.80 -19.66 -17.08
N SER D 189 -7.09 -20.93 -16.78
CA SER D 189 -6.19 -22.02 -17.09
C SER D 189 -6.90 -22.92 -18.10
N LYS D 190 -6.11 -23.70 -18.83
CA LYS D 190 -6.64 -24.58 -19.87
C LYS D 190 -7.90 -25.31 -19.43
N ALA D 191 -7.90 -25.77 -18.17
CA ALA D 191 -9.05 -26.51 -17.66
C ALA D 191 -10.31 -25.67 -17.70
N ASP D 192 -10.32 -24.54 -16.97
CA ASP D 192 -11.50 -23.71 -16.90
C ASP D 192 -11.86 -23.14 -18.27
N TYR D 193 -10.87 -22.87 -19.12
CA TYR D 193 -11.15 -22.38 -20.47
C TYR D 193 -11.95 -23.43 -21.22
N GLU D 194 -11.40 -24.65 -21.32
CA GLU D 194 -12.12 -25.73 -21.99
C GLU D 194 -13.41 -26.15 -21.31
N LYS D 195 -13.65 -25.69 -20.08
CA LYS D 195 -14.96 -25.88 -19.46
C LYS D 195 -16.05 -25.18 -20.25
N HIS D 196 -15.69 -24.27 -21.15
CA HIS D 196 -16.63 -23.55 -21.97
C HIS D 196 -16.02 -23.33 -23.35
N LYS D 197 -16.87 -23.00 -24.33
CA LYS D 197 -16.42 -22.77 -25.69
C LYS D 197 -16.76 -21.39 -26.24
N VAL D 198 -17.67 -20.66 -25.61
CA VAL D 198 -18.09 -19.34 -26.08
C VAL D 198 -17.76 -18.32 -25.01
N TYR D 199 -17.07 -17.25 -25.40
CA TYR D 199 -16.62 -16.20 -24.48
C TYR D 199 -16.96 -14.84 -25.07
N ALA D 200 -17.21 -13.88 -24.20
CA ALA D 200 -17.63 -12.55 -24.64
C ALA D 200 -17.28 -11.52 -23.59
N CYS D 201 -17.24 -10.26 -24.03
CA CYS D 201 -16.98 -9.10 -23.18
C CYS D 201 -18.11 -8.09 -23.36
N GLU D 202 -18.57 -7.52 -22.25
CA GLU D 202 -19.68 -6.57 -22.25
C GLU D 202 -19.20 -5.27 -21.62
N VAL D 203 -19.14 -4.22 -22.43
CA VAL D 203 -18.67 -2.90 -22.00
C VAL D 203 -19.86 -1.95 -21.96
N THR D 204 -19.86 -1.08 -20.95
CA THR D 204 -20.89 -0.06 -20.80
C THR D 204 -20.21 1.27 -20.53
N HIS D 205 -20.37 2.22 -21.45
CA HIS D 205 -19.69 3.49 -21.38
C HIS D 205 -20.69 4.63 -21.54
N GLN D 206 -20.32 5.81 -21.03
CA GLN D 206 -21.18 6.98 -21.15
C GLN D 206 -21.50 7.28 -22.61
N GLY D 207 -20.48 7.31 -23.46
CA GLY D 207 -20.69 7.59 -24.87
C GLY D 207 -21.46 6.54 -25.60
N LEU D 208 -21.59 5.34 -25.02
CA LEU D 208 -22.33 4.26 -25.64
C LEU D 208 -23.81 4.32 -25.27
N SER D 209 -24.65 3.89 -26.20
CA SER D 209 -26.09 3.87 -25.96
C SER D 209 -26.50 2.70 -25.08
N SER D 210 -26.21 1.49 -25.54
CA SER D 210 -26.52 0.27 -24.78
C SER D 210 -25.27 -0.60 -24.70
N PRO D 211 -25.04 -1.25 -23.55
CA PRO D 211 -23.87 -2.12 -23.40
C PRO D 211 -23.67 -3.03 -24.60
N VAL D 212 -22.43 -3.10 -25.09
CA VAL D 212 -22.10 -3.90 -26.27
C VAL D 212 -21.47 -5.21 -25.82
N THR D 213 -21.55 -6.21 -26.70
CA THR D 213 -20.99 -7.53 -26.43
C THR D 213 -20.35 -8.08 -27.69
N LYS D 214 -19.16 -8.64 -27.55
CA LYS D 214 -18.46 -9.32 -28.63
C LYS D 214 -18.02 -10.69 -28.12
N SER D 215 -18.10 -11.70 -28.98
CA SER D 215 -17.87 -13.07 -28.54
C SER D 215 -17.25 -13.88 -29.67
N PHE D 216 -16.70 -15.03 -29.30
CA PHE D 216 -16.11 -15.96 -30.25
C PHE D 216 -16.52 -17.38 -29.87
N ASN D 217 -16.52 -18.27 -30.86
CA ASN D 217 -16.97 -19.66 -30.68
C ASN D 217 -15.84 -20.59 -31.14
N ARG D 218 -15.13 -21.18 -30.18
CA ARG D 218 -14.09 -22.16 -30.48
C ARG D 218 -13.36 -22.58 -29.20
O1 B41 E . 14.46 22.40 -6.75
O2 B41 E . 13.28 23.92 -5.60
N B41 E . 20.47 22.81 -3.40
CA B41 E . 19.31 23.69 -3.45
C B41 E . 19.63 25.01 -2.76
CB B41 E . 18.93 23.97 -4.91
CG B41 E . 17.41 24.02 -5.04
CD1 B41 E . 16.76 23.12 -5.87
CD2 B41 E . 16.68 24.96 -4.32
CE1 B41 E . 15.37 23.17 -6.00
CE2 B41 E . 15.30 25.00 -4.44
CZ B41 E . 14.65 24.10 -5.28
CM B41 E . 20.38 21.98 -2.22
CT B41 E . 13.20 23.03 -6.68
HN B41 E . 21.30 23.35 -3.37
HA B41 E . 18.47 23.22 -2.94
H B41 E . 18.81 25.70 -2.89
HB B41 E . 19.80 24.84 -1.70
HC B41 E . 20.53 25.44 -3.21
HBA B41 E . 19.33 23.17 -5.53
HBB B41 E . 19.36 24.92 -5.21
HD1 B41 E . 17.34 22.39 -6.43
HD2 B41 E . 17.20 25.66 -3.66
HE2 B41 E . 14.74 25.73 -3.88
HM B41 E . 19.54 21.30 -2.30
HMA B41 E . 20.24 22.60 -1.34
HMB B41 E . 21.30 21.40 -2.11
HT B41 E . 12.43 22.31 -6.52
HTA B41 E . 13.02 23.59 -7.59
#